data_8EQ0
#
_entry.id   8EQ0
#
_cell.length_a   74.513
_cell.length_b   247.045
_cell.length_c   130.231
_cell.angle_alpha   90.000
_cell.angle_beta   90.000
_cell.angle_gamma   90.000
#
_symmetry.space_group_name_H-M   'C 2 2 21'
#
loop_
_entity.id
_entity.type
_entity.pdbx_description
1 polymer 'Pyruvate kinase'
2 non-polymer GLYCINE
3 water water
#
_entity_poly.entity_id   1
_entity_poly.type   'polypeptide(L)'
_entity_poly.pdbx_seq_one_letter_code
;MKKTKIVCTIGPKTESEEMLAKMLDAGMNVMRLNFSHGDYAEHGQRIQNLRNVMSKTGKTAAILLDTKGPEIRTMKLEGG
NDVSLKAGQTFTFTTDKSVIGNSEMVAVTYEGFTTDLSVGNTVLVDDGLIGMEVTAIEGNKVICKVLNNGDLGENKGVNL
PGVSIALPALAEKDKQDLIFGCEQGVDFVAASFIRKRSDVIEIREHLKAHGGENIHIISKIENQEGLNNFDEILEASDGI
MVARGDLGVEIPVEEVIFAQKMMIEKCIRARKVVITATQMLDSMIKNPRPTRAEAGDVANAILDGTDAVMLSGESAKGKY
PLEAVSIMATICERTDRVMNSRLEFNNDNRKLRITEAVCRGAVETAEKLDAPLIVVATQGAKSARAVRKYFPDATILALT
TNEKTAHQLVLSKGVVPQLVKEITSTDDFYRLGKELALQSGLAHKGDVVVMVSGALVPSGTTNTASVHVL
;
_entity_poly.pdbx_strand_id   B,A
#
# COMPACT_ATOMS: atom_id res chain seq x y z
N MET A 1 18.80 6.81 17.98
CA MET A 1 19.76 6.98 16.90
C MET A 1 19.23 8.07 16.00
N LYS A 2 19.99 9.15 15.82
CA LYS A 2 19.57 10.20 14.90
C LYS A 2 19.38 9.63 13.49
N LYS A 3 18.54 10.32 12.71
CA LYS A 3 18.38 10.04 11.30
C LYS A 3 19.13 11.05 10.42
N THR A 4 19.15 12.33 10.81
CA THR A 4 19.82 13.34 10.01
C THR A 4 21.33 13.09 10.01
N LYS A 5 21.97 13.25 8.85
CA LYS A 5 23.40 12.95 8.74
C LYS A 5 24.26 14.20 8.89
N ILE A 6 25.47 14.02 9.41
CA ILE A 6 26.37 15.15 9.69
C ILE A 6 27.56 15.07 8.75
N VAL A 7 27.79 16.16 8.03
CA VAL A 7 28.98 16.34 7.21
C VAL A 7 29.98 17.16 8.03
N CYS A 8 31.21 16.68 8.15
CA CYS A 8 32.24 17.38 8.90
C CYS A 8 33.41 17.72 8.00
N THR A 9 33.73 19.00 7.91
CA THR A 9 34.97 19.42 7.28
C THR A 9 36.14 19.03 8.19
N ILE A 10 37.10 18.29 7.63
CA ILE A 10 38.24 17.80 8.37
C ILE A 10 39.43 18.71 8.10
N GLY A 11 40.15 19.10 9.16
CA GLY A 11 41.32 19.94 9.06
C GLY A 11 42.43 19.48 9.99
N PRO A 12 43.45 20.33 10.22
CA PRO A 12 44.60 19.91 11.05
C PRO A 12 44.23 19.33 12.40
N LYS A 13 43.29 19.93 13.14
CA LYS A 13 42.97 19.39 14.45
C LYS A 13 42.21 18.07 14.39
N THR A 14 41.55 17.74 13.28
CA THR A 14 40.71 16.55 13.25
C THR A 14 41.17 15.49 12.24
N GLU A 15 42.35 15.64 11.63
CA GLU A 15 42.76 14.75 10.55
C GLU A 15 43.36 13.43 11.04
N SER A 16 43.85 13.34 12.27
CA SER A 16 44.49 12.09 12.69
C SER A 16 43.49 10.93 12.70
N GLU A 17 44.00 9.70 12.63
CA GLU A 17 43.12 8.54 12.75
C GLU A 17 42.44 8.53 14.11
N GLU A 18 43.14 8.97 15.15
CA GLU A 18 42.54 9.02 16.48
C GLU A 18 41.31 9.93 16.50
N MET A 19 41.45 11.14 15.96
CA MET A 19 40.35 12.09 15.99
C MET A 19 39.19 11.64 15.11
N LEU A 20 39.51 11.18 13.89
CA LEU A 20 38.46 10.72 12.99
C LEU A 20 37.58 9.66 13.61
N ALA A 21 38.19 8.69 14.31
CA ALA A 21 37.44 7.64 14.99
C ALA A 21 36.50 8.25 16.02
N LYS A 22 37.00 9.21 16.80
CA LYS A 22 36.16 9.88 17.78
C LYS A 22 35.12 10.77 17.10
N MET A 23 35.46 11.35 15.95
CA MET A 23 34.47 12.13 15.20
C MET A 23 33.33 11.24 14.74
N LEU A 24 33.65 10.02 14.28
CA LEU A 24 32.60 9.11 13.84
C LEU A 24 31.72 8.70 15.01
N ASP A 25 32.32 8.36 16.15
CA ASP A 25 31.54 8.08 17.34
C ASP A 25 30.58 9.21 17.66
N ALA A 26 31.05 10.45 17.54
CA ALA A 26 30.25 11.61 17.90
C ALA A 26 29.11 11.87 16.93
N GLY A 27 29.14 11.25 15.75
CA GLY A 27 28.02 11.35 14.82
C GLY A 27 28.39 11.72 13.40
N MET A 28 29.68 11.94 13.13
CA MET A 28 30.07 12.26 11.76
C MET A 28 29.72 11.11 10.80
N ASN A 29 29.12 11.47 9.67
CA ASN A 29 28.84 10.51 8.62
C ASN A 29 29.65 10.74 7.36
N VAL A 30 29.97 12.00 7.04
CA VAL A 30 30.65 12.34 5.82
C VAL A 30 31.79 13.30 6.14
N MET A 31 32.96 13.03 5.57
CA MET A 31 34.13 13.90 5.62
C MET A 31 34.10 14.85 4.42
N ARG A 32 34.20 16.13 4.69
CA ARG A 32 34.26 17.14 3.65
C ARG A 32 35.69 17.63 3.54
N LEU A 33 36.20 17.67 2.31
CA LEU A 33 37.51 18.23 2.05
C LEU A 33 37.30 19.55 1.31
N ASN A 34 37.70 20.64 1.98
CA ASN A 34 37.56 22.00 1.49
C ASN A 34 38.84 22.36 0.73
N PHE A 35 38.77 22.36 -0.60
CA PHE A 35 39.93 22.61 -1.45
C PHE A 35 40.22 24.10 -1.66
N SER A 36 39.58 24.97 -0.89
CA SER A 36 40.06 26.34 -0.75
C SER A 36 41.43 26.38 -0.07
N HIS A 37 41.76 25.34 0.69
CA HIS A 37 43.00 25.27 1.47
C HIS A 37 43.58 23.87 1.38
N GLY A 38 44.84 23.74 1.78
CA GLY A 38 45.52 22.45 1.78
C GLY A 38 46.01 22.07 0.40
N ASP A 39 46.99 21.17 0.36
CA ASP A 39 47.52 20.65 -0.88
C ASP A 39 47.20 19.15 -1.01
N TYR A 40 47.53 18.56 -2.17
CA TYR A 40 47.15 17.19 -2.45
C TYR A 40 47.69 16.19 -1.41
N ALA A 41 48.89 16.42 -0.90
CA ALA A 41 49.44 15.53 0.12
C ALA A 41 48.59 15.52 1.38
N GLU A 42 48.22 16.71 1.88
CA GLU A 42 47.41 16.79 3.09
C GLU A 42 46.07 16.10 2.91
N HIS A 43 45.38 16.38 1.79
CA HIS A 43 44.06 15.82 1.57
C HIS A 43 44.13 14.32 1.33
N GLY A 44 45.16 13.87 0.59
CA GLY A 44 45.33 12.45 0.38
C GLY A 44 45.53 11.71 1.68
N GLN A 45 46.27 12.32 2.61
CA GLN A 45 46.48 11.75 3.94
C GLN A 45 45.18 11.64 4.71
N ARG A 46 44.34 12.69 4.66
CA ARG A 46 43.05 12.62 5.32
C ARG A 46 42.21 11.50 4.73
N ILE A 47 42.26 11.36 3.40
CA ILE A 47 41.51 10.28 2.77
C ILE A 47 42.02 8.94 3.24
N GLN A 48 43.35 8.82 3.34
CA GLN A 48 43.96 7.57 3.77
C GLN A 48 43.59 7.23 5.22
N ASN A 49 43.64 8.24 6.11
CA ASN A 49 43.39 8.01 7.53
C ASN A 49 41.96 7.53 7.76
N LEU A 50 41.00 8.18 7.11
CA LEU A 50 39.62 7.77 7.24
C LEU A 50 39.45 6.33 6.79
N ARG A 51 40.03 5.98 5.65
CA ARG A 51 39.83 4.64 5.11
C ARG A 51 40.49 3.59 6.01
N ASN A 52 41.61 3.93 6.64
CA ASN A 52 42.18 3.08 7.68
C ASN A 52 41.20 2.90 8.82
N VAL A 53 40.66 4.01 9.33
CA VAL A 53 39.71 3.92 10.44
C VAL A 53 38.51 3.08 10.03
N MET A 54 38.04 3.27 8.80
CA MET A 54 36.89 2.50 8.33
C MET A 54 37.21 1.01 8.28
N SER A 55 38.38 0.64 7.77
CA SER A 55 38.75 -0.76 7.72
C SER A 55 38.85 -1.37 9.11
N LYS A 56 39.51 -0.66 10.03
CA LYS A 56 39.72 -1.19 11.37
C LYS A 56 38.44 -1.29 12.19
N THR A 57 37.54 -0.31 12.04
CA THR A 57 36.34 -0.28 12.87
C THR A 57 35.10 -0.79 12.15
N GLY A 58 35.20 -1.07 10.85
CA GLY A 58 34.01 -1.48 10.11
C GLY A 58 32.94 -0.43 10.03
N LYS A 59 33.25 0.82 10.34
CA LYS A 59 32.23 1.85 10.21
C LYS A 59 32.24 2.35 8.78
N THR A 60 31.08 2.79 8.30
CA THR A 60 30.96 3.33 6.95
C THR A 60 30.90 4.85 7.01
N ALA A 61 31.48 5.49 6.00
CA ALA A 61 31.42 6.94 5.83
C ALA A 61 31.72 7.26 4.37
N ALA A 62 31.28 8.42 3.93
CA ALA A 62 31.53 8.91 2.59
C ALA A 62 32.54 10.05 2.67
N ILE A 63 33.13 10.35 1.51
CA ILE A 63 34.12 11.40 1.34
C ILE A 63 33.56 12.39 0.33
N LEU A 64 33.60 13.68 0.67
CA LEU A 64 33.06 14.74 -0.17
C LEU A 64 34.15 15.75 -0.49
N LEU A 65 34.40 15.96 -1.79
CA LEU A 65 35.34 16.97 -2.24
C LEU A 65 34.58 18.26 -2.54
N ASP A 66 34.93 19.33 -1.85
CA ASP A 66 34.30 20.63 -2.04
C ASP A 66 35.30 21.55 -2.76
N THR A 67 34.95 21.98 -3.98
CA THR A 67 35.84 22.82 -4.77
C THR A 67 35.86 24.25 -4.23
N LYS A 68 36.99 24.92 -4.44
CA LYS A 68 37.10 26.34 -4.11
C LYS A 68 36.10 27.15 -4.96
N GLY A 69 36.12 26.93 -6.26
CA GLY A 69 35.20 27.60 -7.14
C GLY A 69 35.80 28.85 -7.73
N PRO A 70 35.11 29.40 -8.73
CA PRO A 70 35.51 30.70 -9.29
C PRO A 70 34.97 31.82 -8.42
N GLU A 71 35.74 32.91 -8.36
CA GLU A 71 35.32 34.01 -7.50
C GLU A 71 35.77 35.31 -8.12
N ILE A 72 35.13 36.38 -7.68
CA ILE A 72 35.53 37.75 -8.00
C ILE A 72 36.06 38.36 -6.72
N ARG A 73 37.32 38.79 -6.74
CA ARG A 73 37.91 39.41 -5.55
C ARG A 73 38.52 40.76 -5.92
N THR A 74 38.52 41.69 -4.96
CA THR A 74 39.27 42.93 -5.16
C THR A 74 40.76 42.62 -5.06
N MET A 75 41.56 43.63 -5.36
CA MET A 75 42.99 43.41 -5.41
C MET A 75 43.73 44.14 -4.29
N LYS A 76 44.91 44.65 -4.62
CA LYS A 76 45.84 45.18 -3.63
C LYS A 76 45.58 46.67 -3.39
N LEU A 77 46.15 47.17 -2.30
CA LEU A 77 45.99 48.56 -1.88
C LEU A 77 47.36 49.16 -1.57
N GLU A 78 47.47 50.47 -1.78
CA GLU A 78 48.70 51.20 -1.51
C GLU A 78 49.14 51.02 -0.07
N GLY A 79 50.38 50.59 0.12
CA GLY A 79 50.86 50.31 1.47
C GLY A 79 50.10 49.24 2.18
N GLY A 80 49.32 48.42 1.45
CA GLY A 80 48.47 47.41 2.04
C GLY A 80 47.56 47.90 3.16
N ASN A 81 47.21 49.19 3.14
CA ASN A 81 46.47 49.80 4.24
C ASN A 81 44.99 49.94 3.89
N ASP A 82 44.14 49.70 4.89
CA ASP A 82 42.71 49.89 4.69
C ASP A 82 42.45 51.34 4.27
N VAL A 83 41.44 51.51 3.42
CA VAL A 83 40.99 52.83 2.99
C VAL A 83 39.52 53.00 3.35
N SER A 84 39.15 54.23 3.72
CA SER A 84 37.80 54.52 4.19
C SER A 84 37.01 55.17 3.07
N LEU A 85 36.05 54.43 2.53
CA LEU A 85 35.17 54.95 1.51
C LEU A 85 33.98 55.64 2.17
N LYS A 86 33.58 56.77 1.60
CA LYS A 86 32.52 57.61 2.15
C LYS A 86 31.30 57.57 1.24
N ALA A 87 30.12 57.36 1.83
CA ALA A 87 28.88 57.33 1.07
C ALA A 87 28.75 58.54 0.17
N GLY A 88 28.36 58.31 -1.08
CA GLY A 88 28.21 59.37 -2.06
C GLY A 88 29.42 59.64 -2.93
N GLN A 89 30.60 59.19 -2.52
CA GLN A 89 31.81 59.45 -3.29
C GLN A 89 31.82 58.62 -4.57
N THR A 90 32.62 59.07 -5.52
CA THR A 90 32.85 58.26 -6.71
C THR A 90 33.95 57.24 -6.43
N PHE A 91 33.74 56.03 -6.94
CA PHE A 91 34.71 54.95 -6.81
C PHE A 91 34.65 54.11 -8.07
N THR A 92 35.82 53.67 -8.54
CA THR A 92 35.93 52.96 -9.80
C THR A 92 36.63 51.61 -9.61
N PHE A 93 36.09 50.59 -10.26
CA PHE A 93 36.76 49.30 -10.37
C PHE A 93 37.44 49.22 -11.72
N THR A 94 38.61 48.59 -11.77
CA THR A 94 39.27 48.36 -13.05
C THR A 94 39.59 46.89 -13.22
N THR A 95 39.48 46.39 -14.47
CA THR A 95 39.84 45.01 -14.80
C THR A 95 41.35 44.83 -14.98
N ASP A 96 42.10 45.92 -15.10
CA ASP A 96 43.57 45.94 -15.10
C ASP A 96 44.11 45.44 -13.77
N LYS A 97 44.66 44.21 -13.77
CA LYS A 97 45.19 43.61 -12.56
C LYS A 97 46.42 44.34 -12.00
N SER A 98 47.15 45.10 -12.83
CA SER A 98 48.40 45.71 -12.38
C SER A 98 48.17 46.87 -11.41
N VAL A 99 46.96 47.41 -11.34
CA VAL A 99 46.70 48.62 -10.57
C VAL A 99 46.65 48.30 -9.07
N ILE A 100 47.36 49.10 -8.31
CA ILE A 100 47.27 49.11 -6.85
C ILE A 100 46.18 50.10 -6.44
N GLY A 101 45.37 49.72 -5.44
CA GLY A 101 44.19 50.48 -5.11
C GLY A 101 44.44 51.61 -4.12
N ASN A 102 43.39 52.41 -3.90
CA ASN A 102 43.42 53.54 -2.98
C ASN A 102 41.96 53.95 -2.69
N SER A 103 41.77 55.18 -2.20
CA SER A 103 40.44 55.63 -1.83
C SER A 103 39.52 55.83 -3.03
N GLU A 104 40.06 55.95 -4.24
CA GLU A 104 39.28 56.26 -5.42
C GLU A 104 39.07 55.10 -6.39
N MET A 105 39.97 54.12 -6.41
CA MET A 105 39.88 53.06 -7.41
C MET A 105 40.64 51.84 -6.91
N VAL A 106 40.12 50.66 -7.24
CA VAL A 106 40.80 49.38 -7.01
C VAL A 106 40.61 48.46 -8.22
N ALA A 107 41.53 47.50 -8.39
CA ALA A 107 41.38 46.46 -9.40
C ALA A 107 40.61 45.24 -8.88
N VAL A 108 39.98 44.51 -9.80
CA VAL A 108 39.31 43.24 -9.53
C VAL A 108 39.95 42.15 -10.38
N THR A 109 39.71 40.89 -9.98
CA THR A 109 40.35 39.75 -10.61
C THR A 109 39.71 39.32 -11.92
N TYR A 110 38.49 39.81 -12.21
CA TYR A 110 37.68 39.32 -13.32
C TYR A 110 37.60 40.35 -14.44
N GLU A 111 38.10 39.98 -15.63
CA GLU A 111 38.02 40.90 -16.77
C GLU A 111 36.57 41.14 -17.18
N GLY A 112 35.71 40.12 -17.07
CA GLY A 112 34.33 40.23 -17.50
C GLY A 112 33.47 41.18 -16.68
N PHE A 113 34.07 41.82 -15.67
CA PHE A 113 33.41 42.77 -14.76
C PHE A 113 32.67 43.89 -15.50
N THR A 114 33.33 44.46 -16.52
CA THR A 114 32.69 45.49 -17.35
C THR A 114 31.51 44.90 -18.11
N THR A 115 31.71 43.73 -18.71
CA THR A 115 30.70 43.12 -19.59
C THR A 115 29.39 42.83 -18.83
N ASP A 116 29.48 42.09 -17.73
CA ASP A 116 28.28 41.56 -17.06
C ASP A 116 27.52 42.62 -16.26
N LEU A 117 28.16 43.73 -15.90
CA LEU A 117 27.44 44.71 -15.12
C LEU A 117 26.72 45.67 -16.07
N SER A 118 25.72 46.36 -15.51
CA SER A 118 24.98 47.36 -16.25
C SER A 118 24.78 48.55 -15.33
N VAL A 119 24.80 49.75 -15.91
CA VAL A 119 24.48 50.95 -15.16
C VAL A 119 23.19 50.73 -14.39
N GLY A 120 23.24 50.99 -13.08
CA GLY A 120 22.12 50.70 -12.19
C GLY A 120 22.35 49.51 -11.28
N ASN A 121 23.20 48.56 -11.68
CA ASN A 121 23.48 47.38 -10.87
C ASN A 121 24.10 47.76 -9.53
N THR A 122 23.97 46.85 -8.55
CA THR A 122 24.59 46.98 -7.24
C THR A 122 25.86 46.13 -7.17
N VAL A 123 26.96 46.73 -6.71
CA VAL A 123 28.19 46.02 -6.42
C VAL A 123 28.40 45.98 -4.91
N LEU A 124 28.51 44.77 -4.36
CA LEU A 124 28.82 44.56 -2.94
C LEU A 124 30.26 44.11 -2.75
N VAL A 125 30.94 44.72 -1.78
CA VAL A 125 32.33 44.38 -1.48
C VAL A 125 32.42 43.88 -0.03
N ASP A 126 33.12 42.75 0.16
CA ASP A 126 33.44 42.18 1.47
C ASP A 126 32.16 41.76 2.21
N ASP A 127 31.53 40.71 1.67
CA ASP A 127 30.28 40.16 2.20
C ASP A 127 29.25 41.25 2.44
N GLY A 128 29.07 42.10 1.41
CA GLY A 128 28.12 43.19 1.51
C GLY A 128 28.46 44.29 2.51
N LEU A 129 29.70 44.35 3.02
CA LEU A 129 30.07 45.45 3.91
C LEU A 129 29.88 46.80 3.23
N ILE A 130 30.46 46.98 2.05
CA ILE A 130 30.30 48.22 1.28
C ILE A 130 29.46 47.92 0.05
N GLY A 131 28.43 48.74 -0.16
CA GLY A 131 27.55 48.63 -1.31
C GLY A 131 27.73 49.82 -2.24
N MET A 132 27.71 49.55 -3.54
CA MET A 132 27.96 50.56 -4.55
C MET A 132 26.99 50.41 -5.71
N GLU A 133 26.69 51.52 -6.36
CA GLU A 133 25.82 51.53 -7.54
C GLU A 133 26.61 51.94 -8.77
N VAL A 134 26.55 51.12 -9.82
CA VAL A 134 27.24 51.42 -11.05
C VAL A 134 26.58 52.63 -11.69
N THR A 135 27.38 53.66 -11.97
CA THR A 135 26.89 54.84 -12.65
C THR A 135 27.36 54.95 -14.09
N ALA A 136 28.44 54.26 -14.46
CA ALA A 136 28.93 54.26 -15.83
C ALA A 136 29.87 53.09 -16.02
N ILE A 137 29.93 52.58 -17.24
CA ILE A 137 30.90 51.56 -17.62
C ILE A 137 31.62 52.05 -18.86
N GLU A 138 32.95 52.14 -18.79
CA GLU A 138 33.73 52.80 -19.81
C GLU A 138 35.06 52.08 -19.90
N GLY A 139 35.37 51.55 -21.10
CA GLY A 139 36.55 50.76 -21.35
C GLY A 139 36.70 49.60 -20.39
N ASN A 140 37.78 49.63 -19.58
CA ASN A 140 38.03 48.64 -18.56
C ASN A 140 37.71 49.16 -17.15
N LYS A 141 36.77 50.10 -17.06
CA LYS A 141 36.43 50.73 -15.78
C LYS A 141 34.92 50.66 -15.54
N VAL A 142 34.54 50.36 -14.31
CA VAL A 142 33.16 50.41 -13.84
C VAL A 142 33.10 51.52 -12.79
N ILE A 143 32.56 52.67 -13.17
CA ILE A 143 32.47 53.79 -12.23
C ILE A 143 31.22 53.62 -11.38
N CYS A 144 31.37 53.80 -10.06
CA CYS A 144 30.27 53.65 -9.12
C CYS A 144 30.25 54.84 -8.18
N LYS A 145 29.10 55.03 -7.53
CA LYS A 145 28.95 55.96 -6.42
C LYS A 145 28.70 55.11 -5.17
N VAL A 146 29.53 55.31 -4.13
CA VAL A 146 29.43 54.51 -2.92
C VAL A 146 28.11 54.82 -2.22
N LEU A 147 27.47 53.77 -1.70
CA LEU A 147 26.18 53.95 -1.02
C LEU A 147 26.32 54.10 0.48
N ASN A 148 27.28 53.41 1.10
CA ASN A 148 27.45 53.47 2.55
C ASN A 148 28.93 53.59 2.91
N ASN A 149 29.19 54.30 4.02
CA ASN A 149 30.53 54.34 4.62
C ASN A 149 30.97 52.94 5.01
N GLY A 150 32.27 52.70 4.88
CA GLY A 150 32.86 51.42 5.25
C GLY A 150 34.33 51.47 4.93
N ASP A 151 35.07 50.49 5.47
CA ASP A 151 36.52 50.40 5.25
C ASP A 151 36.84 49.30 4.25
N LEU A 152 37.63 49.64 3.24
CA LEU A 152 38.00 48.76 2.13
C LEU A 152 39.41 48.21 2.38
N GLY A 153 39.49 46.89 2.65
CA GLY A 153 40.76 46.20 2.73
C GLY A 153 41.16 45.54 1.41
N GLU A 154 42.28 44.86 1.44
CA GLU A 154 42.76 44.15 0.26
C GLU A 154 42.04 42.83 0.09
N ASN A 155 42.06 42.33 -1.15
CA ASN A 155 41.53 41.02 -1.53
C ASN A 155 40.24 40.71 -0.79
N LYS A 156 39.15 41.35 -1.18
CA LYS A 156 37.84 41.06 -0.60
C LYS A 156 36.92 40.54 -1.71
N GLY A 157 35.97 39.69 -1.32
CA GLY A 157 35.01 39.18 -2.28
C GLY A 157 34.06 40.25 -2.77
N VAL A 158 33.63 40.11 -4.02
CA VAL A 158 32.63 40.98 -4.63
C VAL A 158 31.40 40.12 -4.95
N ASN A 159 30.22 40.63 -4.63
CA ASN A 159 28.97 39.98 -4.99
C ASN A 159 28.13 40.95 -5.80
N LEU A 160 27.44 40.45 -6.82
CA LEU A 160 26.68 41.27 -7.76
C LEU A 160 25.23 40.78 -7.72
N PRO A 161 24.45 41.23 -6.74
CA PRO A 161 23.08 40.73 -6.55
C PRO A 161 22.25 40.79 -7.83
N GLY A 162 21.57 39.69 -8.12
CA GLY A 162 20.68 39.66 -9.26
C GLY A 162 21.36 39.75 -10.60
N VAL A 163 22.69 39.73 -10.65
CA VAL A 163 23.44 39.78 -11.90
C VAL A 163 23.77 38.36 -12.32
N SER A 164 23.64 38.10 -13.62
CA SER A 164 24.14 36.88 -14.23
C SER A 164 25.64 37.07 -14.50
N ILE A 165 26.47 36.28 -13.85
CA ILE A 165 27.93 36.41 -13.93
C ILE A 165 28.47 35.33 -14.85
N ALA A 166 29.37 35.72 -15.77
CA ALA A 166 29.89 34.83 -16.81
C ALA A 166 31.23 34.20 -16.44
N LEU A 167 31.44 33.89 -15.18
CA LEU A 167 32.61 33.13 -14.78
C LEU A 167 32.49 31.69 -15.28
N PRO A 168 33.62 31.04 -15.55
CA PRO A 168 33.55 29.63 -15.92
C PRO A 168 33.04 28.81 -14.75
N ALA A 169 32.41 27.69 -15.09
CA ALA A 169 31.95 26.76 -14.06
C ALA A 169 33.09 26.30 -13.17
N LEU A 170 34.27 26.07 -13.74
CA LEU A 170 35.44 25.60 -12.99
C LEU A 170 36.61 26.54 -13.20
N ALA A 171 37.23 26.95 -12.10
CA ALA A 171 38.55 27.55 -12.19
C ALA A 171 39.57 26.52 -12.69
N GLU A 172 40.76 26.99 -13.05
N GLU A 172 40.77 26.99 -13.04
CA GLU A 172 41.83 26.08 -13.47
CA GLU A 172 41.81 26.05 -13.46
C GLU A 172 42.26 25.17 -12.32
C GLU A 172 42.25 25.15 -12.30
N LYS A 173 42.29 25.70 -11.09
CA LYS A 173 42.69 24.89 -9.97
C LYS A 173 41.62 23.84 -9.70
N ASP A 174 40.35 24.22 -9.83
CA ASP A 174 39.27 23.28 -9.69
C ASP A 174 39.45 22.05 -10.59
N LYS A 175 39.83 22.27 -11.87
CA LYS A 175 39.91 21.15 -12.80
C LYS A 175 40.91 20.12 -12.31
N GLN A 176 42.04 20.61 -11.77
CA GLN A 176 43.09 19.77 -11.20
C GLN A 176 42.61 19.08 -9.92
N ASP A 177 41.93 19.83 -9.04
CA ASP A 177 41.36 19.25 -7.84
C ASP A 177 40.38 18.12 -8.20
N LEU A 178 39.60 18.28 -9.26
CA LEU A 178 38.65 17.25 -9.61
C LEU A 178 39.33 16.00 -10.13
N ILE A 179 40.40 16.13 -10.91
CA ILE A 179 41.10 14.93 -11.33
C ILE A 179 41.65 14.21 -10.10
N PHE A 180 42.25 14.96 -9.18
CA PHE A 180 42.69 14.38 -7.93
C PHE A 180 41.57 13.60 -7.26
N GLY A 181 40.37 14.17 -7.23
CA GLY A 181 39.23 13.49 -6.65
C GLY A 181 38.88 12.19 -7.36
N CYS A 182 38.97 12.18 -8.70
CA CYS A 182 38.74 10.94 -9.43
C CYS A 182 39.80 9.91 -9.09
N GLU A 183 41.06 10.32 -9.10
CA GLU A 183 42.15 9.42 -8.78
C GLU A 183 41.97 8.81 -7.40
N GLN A 184 41.48 9.60 -6.47
CA GLN A 184 41.32 9.21 -5.09
C GLN A 184 40.00 8.50 -4.85
N GLY A 185 39.14 8.43 -5.85
CA GLY A 185 37.83 7.82 -5.71
C GLY A 185 36.90 8.38 -4.65
N VAL A 186 36.77 9.71 -4.57
CA VAL A 186 35.79 10.31 -3.65
C VAL A 186 34.38 9.94 -4.08
N ASP A 187 33.47 10.03 -3.13
CA ASP A 187 32.07 9.68 -3.32
C ASP A 187 31.23 10.84 -3.84
N PHE A 188 31.56 12.04 -3.39
CA PHE A 188 30.80 13.22 -3.72
C PHE A 188 31.74 14.33 -4.15
N VAL A 189 31.27 15.16 -5.06
CA VAL A 189 31.92 16.43 -5.41
C VAL A 189 30.90 17.52 -5.17
N ALA A 190 31.26 18.49 -4.33
CA ALA A 190 30.41 19.66 -4.11
C ALA A 190 30.98 20.80 -4.94
N ALA A 191 30.24 21.20 -5.96
CA ALA A 191 30.70 22.20 -6.89
C ALA A 191 30.24 23.57 -6.41
N SER A 192 31.18 24.50 -6.24
CA SER A 192 30.86 25.83 -5.75
C SER A 192 30.26 26.72 -6.84
N PHE A 193 29.41 27.66 -6.41
CA PHE A 193 28.87 28.74 -7.26
C PHE A 193 28.17 28.22 -8.54
N ILE A 194 27.33 27.21 -8.39
CA ILE A 194 26.57 26.74 -9.55
C ILE A 194 25.43 27.70 -9.84
N ARG A 195 25.33 28.13 -11.11
CA ARG A 195 24.41 29.17 -11.55
C ARG A 195 23.40 28.71 -12.59
N LYS A 196 23.70 27.65 -13.35
CA LYS A 196 22.82 27.23 -14.43
C LYS A 196 23.14 25.79 -14.80
N ARG A 197 22.22 25.18 -15.56
CA ARG A 197 22.36 23.78 -15.95
C ARG A 197 23.74 23.49 -16.54
N SER A 198 24.22 24.36 -17.42
CA SER A 198 25.44 24.02 -18.15
C SER A 198 26.62 23.90 -17.22
N ASP A 199 26.60 24.55 -16.06
CA ASP A 199 27.73 24.43 -15.12
C ASP A 199 27.84 23.01 -14.58
N VAL A 200 26.70 22.42 -14.21
CA VAL A 200 26.67 21.05 -13.73
C VAL A 200 27.15 20.11 -14.82
N ILE A 201 26.78 20.39 -16.08
CA ILE A 201 27.11 19.52 -17.20
C ILE A 201 28.60 19.55 -17.46
N GLU A 202 29.19 20.74 -17.42
CA GLU A 202 30.62 20.87 -17.65
C GLU A 202 31.42 20.13 -16.60
N ILE A 203 30.93 20.12 -15.36
CA ILE A 203 31.62 19.37 -14.32
C ILE A 203 31.46 17.88 -14.56
N ARG A 204 30.28 17.44 -14.98
CA ARG A 204 30.12 16.02 -15.24
C ARG A 204 31.02 15.57 -16.39
N GLU A 205 31.15 16.38 -17.45
CA GLU A 205 32.01 15.97 -18.55
C GLU A 205 33.49 15.99 -18.14
N HIS A 206 33.87 16.88 -17.21
N HIS A 206 33.87 16.88 -17.22
CA HIS A 206 35.22 16.83 -16.66
CA HIS A 206 35.23 16.83 -16.68
C HIS A 206 35.44 15.56 -15.86
C HIS A 206 35.44 15.57 -15.85
N LEU A 207 34.44 15.14 -15.07
CA LEU A 207 34.63 13.95 -14.24
C LEU A 207 34.63 12.71 -15.09
N LYS A 208 33.73 12.65 -16.07
CA LYS A 208 33.58 11.46 -16.89
C LYS A 208 34.81 11.21 -17.75
N ALA A 209 35.60 12.26 -18.01
CA ALA A 209 36.83 12.17 -18.75
C ALA A 209 37.98 11.65 -17.90
N HIS A 210 37.79 11.46 -16.60
CA HIS A 210 38.84 10.94 -15.73
C HIS A 210 38.35 9.81 -14.83
N GLY A 211 37.37 9.05 -15.31
CA GLY A 211 36.86 7.90 -14.59
C GLY A 211 35.97 8.20 -13.42
N GLY A 212 35.41 9.41 -13.34
CA GLY A 212 34.55 9.80 -12.24
C GLY A 212 33.07 9.69 -12.51
N GLU A 213 32.66 8.97 -13.56
CA GLU A 213 31.25 8.92 -13.94
C GLU A 213 30.32 8.48 -12.81
N ASN A 214 30.85 7.83 -11.77
CA ASN A 214 30.04 7.39 -10.63
C ASN A 214 30.14 8.31 -9.42
N ILE A 215 30.87 9.42 -9.54
CA ILE A 215 30.97 10.41 -8.47
C ILE A 215 29.73 11.29 -8.53
N HIS A 216 28.99 11.36 -7.43
CA HIS A 216 27.79 12.19 -7.37
C HIS A 216 28.15 13.65 -7.21
N ILE A 217 27.46 14.51 -7.95
CA ILE A 217 27.73 15.94 -7.96
C ILE A 217 26.69 16.66 -7.09
N ILE A 218 27.14 17.36 -6.05
CA ILE A 218 26.28 18.19 -5.19
C ILE A 218 26.47 19.63 -5.62
N SER A 219 25.44 20.27 -6.16
CA SER A 219 25.53 21.65 -6.61
C SER A 219 25.29 22.62 -5.44
N LYS A 220 26.21 23.56 -5.23
CA LYS A 220 26.06 24.57 -4.18
C LYS A 220 25.33 25.77 -4.78
N ILE A 221 24.12 26.03 -4.28
CA ILE A 221 23.34 27.18 -4.70
C ILE A 221 23.77 28.35 -3.82
N GLU A 222 24.30 29.40 -4.44
CA GLU A 222 24.91 30.51 -3.71
C GLU A 222 24.37 31.89 -4.05
N ASN A 223 23.61 32.08 -5.14
CA ASN A 223 23.22 33.42 -5.57
C ASN A 223 21.85 33.41 -6.24
N GLN A 224 21.41 34.59 -6.69
CA GLN A 224 20.07 34.69 -7.28
C GLN A 224 19.95 33.88 -8.57
N GLU A 225 20.99 33.87 -9.42
CA GLU A 225 20.89 33.12 -10.66
C GLU A 225 20.68 31.65 -10.38
N GLY A 226 21.47 31.11 -9.44
CA GLY A 226 21.29 29.72 -9.02
C GLY A 226 19.88 29.42 -8.62
N LEU A 227 19.30 30.28 -7.77
CA LEU A 227 17.91 30.12 -7.34
C LEU A 227 16.94 30.16 -8.52
N ASN A 228 17.12 31.11 -9.45
CA ASN A 228 16.26 31.21 -10.64
C ASN A 228 16.27 29.92 -11.45
N ASN A 229 17.45 29.32 -11.63
CA ASN A 229 17.62 28.12 -12.43
C ASN A 229 17.60 26.86 -11.60
N PHE A 230 17.07 26.92 -10.37
CA PHE A 230 17.20 25.79 -9.45
C PHE A 230 16.68 24.50 -10.06
N ASP A 231 15.53 24.53 -10.73
CA ASP A 231 14.97 23.29 -11.26
C ASP A 231 15.93 22.66 -12.25
N GLU A 232 16.40 23.45 -13.22
CA GLU A 232 17.42 23.00 -14.17
C GLU A 232 18.59 22.36 -13.45
N ILE A 233 19.07 23.03 -12.40
CA ILE A 233 20.26 22.56 -11.70
C ILE A 233 19.98 21.27 -10.96
N LEU A 234 18.85 21.22 -10.25
CA LEU A 234 18.45 19.99 -9.57
C LEU A 234 18.38 18.83 -10.55
N GLU A 235 17.70 19.03 -11.68
CA GLU A 235 17.56 17.99 -12.70
C GLU A 235 18.92 17.40 -13.07
N ALA A 236 19.92 18.27 -13.29
CA ALA A 236 21.24 17.85 -13.73
C ALA A 236 22.13 17.34 -12.61
N SER A 237 21.87 17.72 -11.37
CA SER A 237 22.73 17.36 -10.25
C SER A 237 22.27 16.07 -9.61
N ASP A 238 23.11 15.55 -8.72
CA ASP A 238 22.77 14.43 -7.87
C ASP A 238 22.24 14.87 -6.52
N GLY A 239 22.42 16.15 -6.19
CA GLY A 239 22.03 16.70 -4.91
C GLY A 239 22.36 18.18 -4.86
N ILE A 240 21.99 18.79 -3.74
CA ILE A 240 22.09 20.23 -3.58
C ILE A 240 22.65 20.53 -2.20
N MET A 241 23.55 21.50 -2.14
CA MET A 241 24.00 22.08 -0.88
C MET A 241 23.47 23.51 -0.82
N VAL A 242 22.75 23.82 0.24
CA VAL A 242 22.18 25.15 0.43
C VAL A 242 23.21 26.00 1.17
N ALA A 243 23.75 27.01 0.49
CA ALA A 243 24.77 27.89 1.04
C ALA A 243 24.10 29.15 1.57
N ARG A 244 23.58 29.07 2.80
CA ARG A 244 22.78 30.15 3.35
C ARG A 244 23.56 31.47 3.47
N GLY A 245 24.79 31.42 3.97
CA GLY A 245 25.60 32.62 4.12
C GLY A 245 25.75 33.40 2.83
N ASP A 246 26.07 32.71 1.74
CA ASP A 246 26.20 33.35 0.43
C ASP A 246 24.87 33.92 -0.05
N LEU A 247 23.79 33.15 0.10
CA LEU A 247 22.47 33.65 -0.30
C LEU A 247 22.06 34.89 0.49
N GLY A 248 22.47 35.00 1.75
CA GLY A 248 22.16 36.19 2.52
C GLY A 248 22.79 37.46 1.96
N VAL A 249 23.85 37.32 1.16
CA VAL A 249 24.50 38.48 0.56
C VAL A 249 23.92 38.79 -0.81
N GLU A 250 23.33 37.81 -1.48
CA GLU A 250 22.92 37.93 -2.86
C GLU A 250 21.44 38.27 -3.06
N ILE A 251 20.57 37.81 -2.17
CA ILE A 251 19.13 38.01 -2.33
C ILE A 251 18.60 38.75 -1.10
N PRO A 252 17.41 39.34 -1.20
CA PRO A 252 16.82 40.04 -0.04
C PRO A 252 16.69 39.12 1.18
N VAL A 253 17.02 39.67 2.34
CA VAL A 253 17.28 38.85 3.52
C VAL A 253 16.02 38.09 3.97
N GLU A 254 14.84 38.70 3.84
CA GLU A 254 13.64 37.96 4.23
C GLU A 254 13.34 36.77 3.32
N GLU A 255 14.01 36.66 2.18
CA GLU A 255 13.76 35.56 1.24
C GLU A 255 14.59 34.33 1.53
N VAL A 256 15.72 34.47 2.22
CA VAL A 256 16.64 33.33 2.41
C VAL A 256 15.93 32.14 3.03
N ILE A 257 15.07 32.38 4.02
CA ILE A 257 14.44 31.25 4.72
C ILE A 257 13.60 30.43 3.76
N PHE A 258 12.81 31.10 2.92
CA PHE A 258 11.91 30.38 2.02
C PHE A 258 12.67 29.77 0.86
N ALA A 259 13.79 30.38 0.47
CA ALA A 259 14.62 29.74 -0.53
C ALA A 259 15.20 28.43 0.00
N GLN A 260 15.49 28.36 1.29
CA GLN A 260 15.97 27.10 1.88
C GLN A 260 14.83 26.08 1.94
N LYS A 261 13.63 26.53 2.28
CA LYS A 261 12.49 25.62 2.36
C LYS A 261 12.09 25.11 0.99
N MET A 262 11.96 26.02 0.01
CA MET A 262 11.70 25.63 -1.37
C MET A 262 12.70 24.61 -1.88
N MET A 263 13.98 24.89 -1.71
CA MET A 263 14.99 23.99 -2.27
C MET A 263 14.96 22.63 -1.58
N ILE A 264 14.84 22.62 -0.25
CA ILE A 264 14.80 21.32 0.44
C ILE A 264 13.59 20.51 -0.04
N GLU A 265 12.39 21.12 -0.05
CA GLU A 265 11.18 20.42 -0.52
C GLU A 265 11.41 19.77 -1.87
N LYS A 266 11.91 20.54 -2.84
CA LYS A 266 12.08 20.04 -4.20
C LYS A 266 13.13 18.93 -4.29
N CYS A 267 14.17 18.97 -3.46
CA CYS A 267 15.12 17.88 -3.45
C CYS A 267 14.48 16.58 -2.98
N ILE A 268 13.61 16.68 -1.97
CA ILE A 268 12.94 15.50 -1.45
C ILE A 268 12.03 14.91 -2.51
N ARG A 269 11.22 15.75 -3.15
CA ARG A 269 10.35 15.29 -4.25
C ARG A 269 11.17 14.63 -5.34
N ALA A 270 12.34 15.18 -5.64
CA ALA A 270 13.17 14.67 -6.72
C ALA A 270 13.97 13.44 -6.32
N ARG A 271 13.96 13.05 -5.05
CA ARG A 271 14.72 11.90 -4.56
C ARG A 271 16.21 12.14 -4.71
N LYS A 272 16.65 13.36 -4.36
CA LYS A 272 18.05 13.78 -4.46
C LYS A 272 18.48 14.38 -3.13
N VAL A 273 19.66 13.97 -2.66
CA VAL A 273 20.11 14.35 -1.33
C VAL A 273 20.34 15.86 -1.25
N VAL A 274 20.01 16.44 -0.09
CA VAL A 274 20.21 17.87 0.15
C VAL A 274 21.00 18.07 1.45
N ILE A 275 21.98 18.99 1.42
CA ILE A 275 22.78 19.34 2.58
C ILE A 275 22.51 20.81 2.92
N THR A 276 22.21 21.07 4.19
CA THR A 276 22.09 22.45 4.68
C THR A 276 23.42 22.84 5.29
N ALA A 277 24.00 23.93 4.79
CA ALA A 277 25.39 24.24 5.10
C ALA A 277 25.57 25.73 5.31
N THR A 278 26.70 26.09 5.92
CA THR A 278 27.09 27.47 6.21
C THR A 278 26.36 28.01 7.43
N GLN A 279 27.07 28.81 8.23
CA GLN A 279 26.49 29.50 9.39
C GLN A 279 25.66 28.55 10.25
N MET A 280 26.26 27.42 10.60
CA MET A 280 25.55 26.48 11.46
C MET A 280 25.97 26.68 12.91
N LEU A 281 27.18 26.30 13.26
CA LEU A 281 27.63 26.42 14.63
C LEU A 281 28.95 27.20 14.72
N ASP A 282 29.10 28.23 13.89
CA ASP A 282 30.37 28.94 13.76
C ASP A 282 30.91 29.44 15.09
N SER A 283 30.04 29.80 16.03
CA SER A 283 30.54 30.35 17.29
C SER A 283 31.41 29.33 18.02
N MET A 284 31.29 28.04 17.69
CA MET A 284 32.06 26.98 18.31
C MET A 284 33.46 26.81 17.71
N ILE A 285 33.81 27.60 16.70
CA ILE A 285 35.23 27.80 16.40
C ILE A 285 35.94 28.24 17.66
N LYS A 286 35.30 29.17 18.40
CA LYS A 286 35.85 29.74 19.62
C LYS A 286 35.27 29.16 20.91
N ASN A 287 33.95 28.81 20.96
CA ASN A 287 33.33 28.46 22.24
C ASN A 287 32.90 27.00 22.32
N PRO A 288 32.87 26.41 23.53
CA PRO A 288 32.48 25.01 23.67
C PRO A 288 30.97 24.76 23.64
N ARG A 289 30.16 25.80 23.54
CA ARG A 289 28.71 25.69 23.43
C ARG A 289 28.23 26.60 22.32
N PRO A 290 27.21 26.19 21.58
CA PRO A 290 26.66 27.03 20.53
C PRO A 290 25.75 28.09 21.14
N THR A 291 25.24 28.95 20.26
CA THR A 291 24.23 29.93 20.61
C THR A 291 22.83 29.32 20.55
N ARG A 292 21.92 29.86 21.36
CA ARG A 292 20.51 29.49 21.26
C ARG A 292 20.04 29.63 19.83
N ALA A 293 20.34 30.77 19.21
CA ALA A 293 19.99 30.98 17.82
C ALA A 293 20.58 29.90 16.92
N GLU A 294 21.87 29.60 17.09
CA GLU A 294 22.48 28.58 16.25
C GLU A 294 21.77 27.24 16.39
N ALA A 295 21.47 26.82 17.63
CA ALA A 295 20.75 25.57 17.81
C ALA A 295 19.39 25.62 17.12
N GLY A 296 18.69 26.76 17.24
CA GLY A 296 17.38 26.88 16.62
C GLY A 296 17.44 26.89 15.10
N ASP A 297 18.47 27.51 14.52
CA ASP A 297 18.60 27.50 13.07
C ASP A 297 18.83 26.10 12.55
N VAL A 298 19.74 25.37 13.18
CA VAL A 298 19.99 23.98 12.77
C VAL A 298 18.71 23.16 12.85
N ALA A 299 18.01 23.24 13.98
CA ALA A 299 16.81 22.43 14.19
C ALA A 299 15.75 22.74 13.13
N ASN A 300 15.55 24.01 12.79
CA ASN A 300 14.55 24.32 11.78
C ASN A 300 14.98 23.79 10.41
N ALA A 301 16.28 23.71 10.13
CA ALA A 301 16.71 23.08 8.89
C ALA A 301 16.33 21.59 8.87
N ILE A 302 16.56 20.87 9.96
CA ILE A 302 16.12 19.48 10.03
C ILE A 302 14.60 19.40 9.87
N LEU A 303 13.86 20.30 10.53
CA LEU A 303 12.41 20.31 10.41
C LEU A 303 11.95 20.62 8.99
N ASP A 304 12.63 21.55 8.32
CA ASP A 304 12.37 21.76 6.91
C ASP A 304 12.51 20.46 6.14
N GLY A 305 13.37 19.55 6.63
CA GLY A 305 13.48 18.22 6.06
C GLY A 305 14.81 17.91 5.40
N THR A 306 15.89 18.58 5.79
CA THR A 306 17.19 18.35 5.20
C THR A 306 17.66 16.92 5.42
N ASP A 307 18.39 16.36 4.45
CA ASP A 307 19.06 15.08 4.68
C ASP A 307 20.23 15.23 5.65
N ALA A 308 21.01 16.28 5.48
CA ALA A 308 22.25 16.39 6.23
C ALA A 308 22.52 17.84 6.57
N VAL A 309 23.34 18.01 7.61
CA VAL A 309 23.78 19.29 8.11
C VAL A 309 25.31 19.27 8.11
N MET A 310 25.92 20.43 8.02
CA MET A 310 27.36 20.49 7.75
C MET A 310 28.07 21.37 8.75
N LEU A 311 29.21 20.89 9.23
CA LEU A 311 30.13 21.66 10.04
C LEU A 311 31.30 22.11 9.17
N SER A 312 31.66 23.39 9.28
CA SER A 312 32.78 23.93 8.51
C SER A 312 34.00 24.17 9.40
N GLY A 313 34.37 25.45 9.58
CA GLY A 313 35.50 25.78 10.42
C GLY A 313 35.45 25.13 11.80
N GLU A 314 34.24 24.90 12.32
CA GLU A 314 34.14 24.42 13.69
C GLU A 314 34.71 23.01 13.87
N SER A 315 34.83 22.23 12.78
CA SER A 315 35.45 20.92 12.88
C SER A 315 36.81 20.84 12.20
N ALA A 316 37.15 21.79 11.33
CA ALA A 316 38.45 21.81 10.66
C ALA A 316 39.52 22.52 11.50
N LYS A 317 39.29 23.79 11.85
CA LYS A 317 40.27 24.56 12.60
C LYS A 317 39.91 24.83 14.05
N GLY A 318 38.62 24.82 14.40
CA GLY A 318 38.15 25.25 15.71
C GLY A 318 38.78 24.62 16.93
N LYS A 319 38.58 25.25 18.08
CA LYS A 319 39.14 24.77 19.34
C LYS A 319 38.35 23.63 19.94
N TYR A 320 37.12 23.40 19.49
CA TYR A 320 36.23 22.42 20.12
C TYR A 320 35.52 21.59 19.06
N PRO A 321 36.27 20.82 18.25
CA PRO A 321 35.63 20.05 17.17
C PRO A 321 34.68 18.97 17.68
N LEU A 322 35.14 18.15 18.60
CA LEU A 322 34.29 17.06 19.10
C LEU A 322 33.05 17.61 19.81
N GLU A 323 33.23 18.71 20.55
CA GLU A 323 32.07 19.37 21.15
C GLU A 323 31.06 19.77 20.09
N ALA A 324 31.53 20.26 18.94
CA ALA A 324 30.60 20.73 17.92
C ALA A 324 29.89 19.57 17.24
N VAL A 325 30.61 18.48 16.94
CA VAL A 325 29.95 17.30 16.38
C VAL A 325 28.91 16.78 17.39
N SER A 326 29.32 16.61 18.64
CA SER A 326 28.42 16.05 19.65
C SER A 326 27.13 16.85 19.81
N ILE A 327 27.24 18.18 19.99
CA ILE A 327 26.04 18.96 20.18
C ILE A 327 25.18 18.98 18.92
N MET A 328 25.82 18.89 17.74
CA MET A 328 25.08 18.72 16.48
C MET A 328 24.29 17.42 16.48
N ALA A 329 24.94 16.32 16.86
CA ALA A 329 24.25 15.04 16.97
C ALA A 329 23.08 15.14 17.96
N THR A 330 23.30 15.79 19.10
CA THR A 330 22.24 15.95 20.10
C THR A 330 21.03 16.67 19.52
N ILE A 331 21.26 17.79 18.80
CA ILE A 331 20.19 18.52 18.13
C ILE A 331 19.51 17.64 17.08
N CYS A 332 20.29 16.88 16.29
CA CYS A 332 19.71 15.99 15.28
C CYS A 332 18.74 15.00 15.92
N GLU A 333 19.19 14.29 16.96
CA GLU A 333 18.31 13.36 17.69
C GLU A 333 17.07 14.06 18.24
N ARG A 334 17.26 15.16 18.97
CA ARG A 334 16.13 15.86 19.60
C ARG A 334 15.10 16.29 18.57
N THR A 335 15.55 16.73 17.39
CA THR A 335 14.67 17.22 16.35
C THR A 335 14.10 16.08 15.51
N ASP A 336 14.91 15.06 15.17
CA ASP A 336 14.41 13.93 14.40
C ASP A 336 13.25 13.24 15.13
N ARG A 337 13.34 13.16 16.45
CA ARG A 337 12.39 12.43 17.28
C ARG A 337 10.95 12.88 17.09
N VAL A 338 10.75 14.16 16.81
CA VAL A 338 9.41 14.70 16.79
C VAL A 338 8.86 14.80 15.38
N MET A 339 9.59 14.27 14.39
CA MET A 339 9.12 14.39 13.02
C MET A 339 8.23 13.22 12.62
N ASN A 340 7.21 13.51 11.81
CA ASN A 340 6.27 12.53 11.31
C ASN A 340 6.49 12.24 9.83
N SER A 341 5.97 11.10 9.41
CA SER A 341 6.00 10.73 8.00
C SER A 341 5.14 11.69 7.19
N ARG A 342 5.45 11.78 5.90
CA ARG A 342 4.79 12.67 4.93
C ARG A 342 4.29 11.84 3.75
N LEU A 343 3.11 11.25 3.88
CA LEU A 343 2.54 10.41 2.82
C LEU A 343 1.77 11.31 1.84
N GLU A 344 2.03 11.14 0.54
CA GLU A 344 1.50 12.02 -0.53
C GLU A 344 0.35 12.94 -0.12
N ARG A 353 3.72 7.00 -11.32
CA ARG A 353 4.89 6.14 -11.22
C ARG A 353 4.60 4.89 -10.42
N ILE A 354 5.00 3.73 -10.95
CA ILE A 354 4.96 2.52 -10.15
C ILE A 354 5.82 2.66 -8.91
N THR A 355 7.06 3.17 -9.07
CA THR A 355 7.98 3.29 -7.96
C THR A 355 7.39 4.13 -6.84
N GLU A 356 6.86 5.29 -7.20
CA GLU A 356 6.24 6.18 -6.23
C GLU A 356 5.13 5.45 -5.45
N ALA A 357 4.23 4.77 -6.17
CA ALA A 357 3.10 4.09 -5.54
C ALA A 357 3.57 3.00 -4.56
N VAL A 358 4.53 2.18 -4.98
CA VAL A 358 4.96 1.05 -4.17
C VAL A 358 5.67 1.55 -2.91
N CYS A 359 6.60 2.49 -3.10
CA CYS A 359 7.35 3.03 -1.97
C CYS A 359 6.46 3.77 -1.00
N ARG A 360 5.52 4.59 -1.50
CA ARG A 360 4.61 5.27 -0.59
C ARG A 360 3.78 4.27 0.20
N GLY A 361 3.33 3.21 -0.45
CA GLY A 361 2.55 2.21 0.25
C GLY A 361 3.39 1.45 1.25
N ALA A 362 4.65 1.19 0.92
CA ALA A 362 5.48 0.42 1.84
C ALA A 362 5.67 1.18 3.14
N VAL A 363 5.81 2.50 3.05
CA VAL A 363 5.93 3.30 4.26
C VAL A 363 4.62 3.29 5.04
N GLU A 364 3.51 3.56 4.36
CA GLU A 364 2.22 3.49 5.00
C GLU A 364 2.01 2.14 5.69
N THR A 365 2.43 1.05 5.03
CA THR A 365 2.30 -0.28 5.62
C THR A 365 3.18 -0.41 6.86
N ALA A 366 4.44 0.04 6.76
CA ALA A 366 5.33 0.02 7.92
C ALA A 366 4.69 0.70 9.12
N GLU A 367 4.13 1.90 8.93
CA GLU A 367 3.58 2.63 10.07
C GLU A 367 2.39 1.90 10.65
N LYS A 368 1.52 1.37 9.77
CA LYS A 368 0.32 0.70 10.22
C LYS A 368 0.59 -0.60 10.96
N LEU A 369 1.74 -1.22 10.74
CA LEU A 369 2.18 -2.42 11.44
C LEU A 369 3.28 -2.15 12.49
N ASP A 370 3.61 -0.88 12.73
CA ASP A 370 4.65 -0.49 13.68
C ASP A 370 5.96 -1.23 13.38
N ALA A 371 6.38 -1.18 12.12
CA ALA A 371 7.62 -1.83 11.70
C ALA A 371 8.80 -0.91 11.96
N PRO A 372 9.83 -1.34 12.69
CA PRO A 372 11.01 -0.49 12.94
C PRO A 372 11.96 -0.38 11.78
N LEU A 373 11.78 -1.16 10.72
CA LEU A 373 12.78 -1.27 9.68
C LEU A 373 12.13 -1.53 8.33
N ILE A 374 12.58 -0.77 7.32
CA ILE A 374 12.24 -1.01 5.92
C ILE A 374 13.52 -1.44 5.20
N VAL A 375 13.53 -2.66 4.65
CA VAL A 375 14.71 -3.21 3.98
C VAL A 375 14.55 -3.04 2.48
N VAL A 376 15.52 -2.37 1.84
CA VAL A 376 15.44 -2.01 0.43
C VAL A 376 16.57 -2.66 -0.35
N ALA A 377 16.23 -3.37 -1.42
CA ALA A 377 17.22 -3.94 -2.34
C ALA A 377 17.45 -2.91 -3.42
N THR A 378 18.40 -2.02 -3.18
CA THR A 378 18.54 -0.83 -4.00
C THR A 378 19.51 -1.09 -5.15
N GLN A 379 19.02 -0.83 -6.36
CA GLN A 379 19.85 -0.74 -7.56
C GLN A 379 20.28 0.73 -7.65
N GLY A 380 21.54 1.01 -7.32
CA GLY A 380 21.90 2.42 -7.13
C GLY A 380 21.15 3.04 -5.95
N ALA A 381 21.23 4.37 -5.85
CA ALA A 381 20.61 5.06 -4.73
C ALA A 381 19.11 5.30 -4.89
N LYS A 382 18.60 5.29 -6.12
CA LYS A 382 17.23 5.72 -6.39
C LYS A 382 16.23 5.10 -5.43
N SER A 383 16.30 3.79 -5.24
CA SER A 383 15.22 3.11 -4.54
C SER A 383 15.20 3.44 -3.05
N ALA A 384 16.37 3.49 -2.40
CA ALA A 384 16.40 3.90 -1.00
C ALA A 384 15.94 5.34 -0.86
N ARG A 385 16.31 6.20 -1.81
CA ARG A 385 15.86 7.59 -1.77
C ARG A 385 14.36 7.67 -2.01
N ALA A 386 13.81 6.78 -2.84
CA ALA A 386 12.37 6.73 -3.07
C ALA A 386 11.60 6.35 -1.82
N VAL A 387 12.18 5.53 -0.94
CA VAL A 387 11.52 5.25 0.33
C VAL A 387 11.70 6.44 1.27
N ARG A 388 12.92 6.99 1.32
CA ARG A 388 13.22 8.09 2.24
C ARG A 388 12.35 9.30 1.99
N LYS A 389 11.88 9.49 0.75
CA LYS A 389 11.03 10.63 0.38
C LYS A 389 9.84 10.82 1.31
N TYR A 390 9.28 9.75 1.88
CA TYR A 390 8.08 9.88 2.71
C TYR A 390 8.40 10.04 4.19
N PHE A 391 9.67 10.25 4.56
CA PHE A 391 10.08 10.44 5.95
C PHE A 391 9.58 9.31 6.86
N PRO A 392 9.95 8.05 6.59
CA PRO A 392 9.47 6.96 7.45
C PRO A 392 10.00 7.08 8.87
N ASP A 393 9.13 6.73 9.83
CA ASP A 393 9.60 6.44 11.17
C ASP A 393 10.61 5.31 11.17
N ALA A 394 10.33 4.25 10.40
CA ALA A 394 11.24 3.12 10.32
C ALA A 394 12.59 3.53 9.74
N THR A 395 13.64 2.89 10.24
CA THR A 395 14.96 3.06 9.65
C THR A 395 15.04 2.30 8.34
N ILE A 396 15.77 2.84 7.37
CA ILE A 396 15.94 2.21 6.07
C ILE A 396 17.26 1.44 6.07
N LEU A 397 17.19 0.13 5.89
CA LEU A 397 18.38 -0.70 5.69
C LEU A 397 18.49 -0.99 4.18
N ALA A 398 19.53 -0.45 3.55
CA ALA A 398 19.63 -0.45 2.10
C ALA A 398 20.69 -1.46 1.63
N LEU A 399 20.24 -2.57 1.05
CA LEU A 399 21.18 -3.55 0.53
C LEU A 399 21.68 -3.13 -0.84
N THR A 400 22.99 -3.18 -1.03
CA THR A 400 23.55 -2.90 -2.35
C THR A 400 24.82 -3.73 -2.52
N THR A 401 25.09 -4.12 -3.77
CA THR A 401 26.32 -4.85 -4.12
C THR A 401 27.45 -3.91 -4.53
N ASN A 402 27.17 -2.62 -4.65
CA ASN A 402 28.12 -1.64 -5.15
C ASN A 402 28.68 -0.87 -3.97
N GLU A 403 29.99 -0.89 -3.83
CA GLU A 403 30.63 -0.25 -2.68
C GLU A 403 30.52 1.27 -2.74
N LYS A 404 30.60 1.86 -3.94
CA LYS A 404 30.43 3.30 -4.03
C LYS A 404 29.02 3.71 -3.64
N THR A 405 28.01 2.97 -4.11
CA THR A 405 26.63 3.25 -3.76
C THR A 405 26.46 3.22 -2.25
N ALA A 406 27.01 2.18 -1.61
CA ALA A 406 26.97 2.07 -0.15
C ALA A 406 27.52 3.31 0.54
N HIS A 407 28.69 3.79 0.09
CA HIS A 407 29.26 5.00 0.68
C HIS A 407 28.34 6.20 0.49
N GLN A 408 27.79 6.34 -0.72
CA GLN A 408 27.00 7.52 -1.03
C GLN A 408 25.71 7.55 -0.22
N LEU A 409 25.15 6.38 0.06
CA LEU A 409 23.91 6.31 0.82
C LEU A 409 24.08 6.78 2.26
N VAL A 410 25.31 6.87 2.75
CA VAL A 410 25.56 7.40 4.10
C VAL A 410 25.00 8.81 4.25
N LEU A 411 24.94 9.58 3.17
CA LEU A 411 24.47 10.95 3.22
C LEU A 411 22.94 11.08 3.25
N SER A 412 22.19 10.03 2.92
CA SER A 412 20.72 10.13 2.95
C SER A 412 20.16 9.92 4.36
N LYS A 413 19.12 10.70 4.70
CA LYS A 413 18.53 10.67 6.03
C LYS A 413 17.90 9.31 6.36
N GLY A 414 18.19 8.82 7.56
CA GLY A 414 17.64 7.57 8.04
C GLY A 414 18.04 6.35 7.26
N VAL A 415 19.06 6.43 6.42
CA VAL A 415 19.52 5.29 5.62
C VAL A 415 20.78 4.69 6.23
N VAL A 416 20.71 3.38 6.52
CA VAL A 416 21.87 2.58 6.88
C VAL A 416 22.20 1.70 5.67
N PRO A 417 23.33 1.93 4.99
CA PRO A 417 23.67 1.06 3.84
C PRO A 417 24.37 -0.21 4.30
N GLN A 418 24.25 -1.25 3.46
CA GLN A 418 24.81 -2.56 3.76
C GLN A 418 25.33 -3.14 2.46
N LEU A 419 26.63 -3.43 2.40
CA LEU A 419 27.19 -4.05 1.22
C LEU A 419 26.92 -5.55 1.27
N VAL A 420 26.36 -6.09 0.18
CA VAL A 420 26.11 -7.52 0.10
C VAL A 420 26.78 -8.10 -1.13
N LYS A 421 27.09 -9.40 -1.03
CA LYS A 421 27.69 -10.09 -2.16
C LYS A 421 26.74 -10.10 -3.33
N GLU A 422 25.50 -10.52 -3.11
CA GLU A 422 24.58 -10.60 -4.23
C GLU A 422 23.21 -11.02 -3.70
N ILE A 423 22.19 -10.79 -4.52
CA ILE A 423 20.86 -11.34 -4.29
C ILE A 423 20.35 -11.80 -5.64
N THR A 424 20.14 -13.12 -5.78
CA THR A 424 19.84 -13.71 -7.08
C THR A 424 18.35 -13.86 -7.38
N SER A 425 17.48 -13.74 -6.39
CA SER A 425 16.05 -13.84 -6.63
C SER A 425 15.32 -13.05 -5.55
N THR A 426 14.01 -12.91 -5.71
CA THR A 426 13.24 -12.13 -4.74
C THR A 426 13.17 -12.86 -3.41
N ASP A 427 12.95 -14.18 -3.45
CA ASP A 427 12.91 -14.96 -2.21
C ASP A 427 14.27 -14.95 -1.52
N ASP A 428 15.37 -14.92 -2.29
CA ASP A 428 16.71 -14.79 -1.70
C ASP A 428 16.85 -13.50 -0.93
N PHE A 429 16.39 -12.38 -1.51
CA PHE A 429 16.40 -11.08 -0.84
C PHE A 429 15.69 -11.14 0.51
N TYR A 430 14.52 -11.77 0.56
CA TYR A 430 13.77 -11.85 1.81
C TYR A 430 14.56 -12.64 2.85
N ARG A 431 15.01 -13.85 2.49
CA ARG A 431 15.83 -14.66 3.38
C ARG A 431 17.01 -13.87 3.92
N LEU A 432 17.74 -13.22 3.02
CA LEU A 432 18.96 -12.52 3.38
C LEU A 432 18.64 -11.27 4.18
N GLY A 433 17.64 -10.53 3.73
CA GLY A 433 17.26 -9.30 4.40
C GLY A 433 16.78 -9.50 5.82
N LYS A 434 16.12 -10.64 6.09
CA LYS A 434 15.73 -10.97 7.46
C LYS A 434 16.95 -11.27 8.31
N GLU A 435 17.90 -12.03 7.75
CA GLU A 435 19.15 -12.30 8.46
C GLU A 435 19.86 -11.00 8.78
N LEU A 436 20.08 -10.17 7.76
CA LEU A 436 20.81 -8.92 7.93
C LEU A 436 20.07 -7.96 8.85
N ALA A 437 18.74 -8.00 8.85
CA ALA A 437 17.97 -7.14 9.73
C ALA A 437 18.21 -7.50 11.18
N LEU A 438 18.21 -8.79 11.50
CA LEU A 438 18.54 -9.21 12.85
C LEU A 438 19.99 -8.85 13.20
N GLN A 439 20.93 -9.15 12.30
CA GLN A 439 22.34 -8.88 12.54
C GLN A 439 22.60 -7.41 12.80
N SER A 440 21.88 -6.53 12.10
CA SER A 440 22.08 -5.09 12.24
C SER A 440 21.78 -4.57 13.64
N GLY A 441 21.13 -5.37 14.49
CA GLY A 441 20.71 -4.87 15.78
C GLY A 441 19.59 -3.86 15.71
N LEU A 442 19.19 -3.46 14.49
CA LEU A 442 18.11 -2.50 14.27
C LEU A 442 16.72 -3.08 14.46
N ALA A 443 16.55 -4.40 14.41
CA ALA A 443 15.28 -5.04 14.69
C ALA A 443 15.53 -6.38 15.38
N HIS A 444 14.48 -6.95 15.97
CA HIS A 444 14.64 -8.12 16.81
C HIS A 444 13.56 -9.14 16.51
N LYS A 445 13.76 -10.36 17.04
CA LYS A 445 12.80 -11.45 16.85
C LYS A 445 11.39 -10.96 17.16
N GLY A 446 10.46 -11.22 16.24
CA GLY A 446 9.08 -10.78 16.38
C GLY A 446 8.77 -9.41 15.79
N ASP A 447 9.76 -8.62 15.43
CA ASP A 447 9.48 -7.36 14.76
C ASP A 447 8.98 -7.63 13.35
N VAL A 448 8.17 -6.70 12.85
CA VAL A 448 7.77 -6.65 11.46
C VAL A 448 8.77 -5.79 10.71
N VAL A 449 9.19 -6.26 9.54
CA VAL A 449 9.97 -5.44 8.61
C VAL A 449 9.26 -5.45 7.26
N VAL A 450 9.37 -4.35 6.52
CA VAL A 450 8.81 -4.22 5.18
C VAL A 450 9.98 -4.28 4.19
N MET A 451 9.88 -5.13 3.19
CA MET A 451 11.01 -5.38 2.31
C MET A 451 10.63 -4.96 0.89
N VAL A 452 11.41 -4.04 0.35
CA VAL A 452 11.10 -3.35 -0.89
C VAL A 452 12.16 -3.72 -1.93
N SER A 453 11.75 -4.00 -3.15
CA SER A 453 12.70 -4.38 -4.20
C SER A 453 12.05 -4.26 -5.57
N GLY A 454 12.84 -4.52 -6.61
CA GLY A 454 12.33 -4.72 -7.95
C GLY A 454 12.37 -6.19 -8.36
N ALA A 455 11.38 -6.61 -9.15
CA ALA A 455 11.31 -7.99 -9.60
C ALA A 455 10.87 -8.01 -11.05
N LEU A 456 11.70 -8.61 -11.90
CA LEU A 456 11.46 -8.68 -13.35
C LEU A 456 11.25 -7.30 -13.95
N VAL A 457 12.11 -6.35 -13.58
CA VAL A 457 12.02 -4.98 -14.07
C VAL A 457 13.42 -4.40 -14.23
N PRO A 458 13.62 -3.38 -15.08
CA PRO A 458 14.92 -2.71 -15.13
C PRO A 458 15.29 -2.10 -13.79
N SER A 459 16.60 -2.03 -13.54
CA SER A 459 17.11 -1.37 -12.35
C SER A 459 16.49 0.01 -12.17
N GLY A 460 16.36 0.43 -10.92
CA GLY A 460 15.74 1.72 -10.71
C GLY A 460 14.25 1.72 -10.98
N THR A 461 13.64 0.56 -11.03
CA THR A 461 12.21 0.43 -10.89
C THR A 461 11.99 -0.34 -9.59
N THR A 462 11.15 0.20 -8.72
CA THR A 462 10.74 -0.49 -7.51
C THR A 462 9.27 -0.89 -7.67
N ASN A 463 9.02 -2.18 -7.71
CA ASN A 463 7.67 -2.63 -7.98
C ASN A 463 7.15 -3.62 -6.96
N THR A 464 7.91 -3.92 -5.90
CA THR A 464 7.51 -5.00 -5.01
C THR A 464 7.65 -4.62 -3.53
N ALA A 465 6.63 -4.95 -2.74
CA ALA A 465 6.68 -4.72 -1.30
C ALA A 465 6.20 -5.97 -0.58
N SER A 466 6.90 -6.32 0.48
CA SER A 466 6.67 -7.58 1.15
C SER A 466 6.88 -7.41 2.64
N VAL A 467 6.02 -8.04 3.44
CA VAL A 467 6.00 -7.88 4.90
C VAL A 467 6.40 -9.20 5.55
N HIS A 468 7.40 -9.13 6.46
CA HIS A 468 7.92 -10.31 7.14
C HIS A 468 8.09 -10.06 8.62
N VAL A 469 7.97 -11.14 9.39
CA VAL A 469 8.23 -11.17 10.82
C VAL A 469 9.61 -11.76 11.02
N LEU A 470 10.40 -11.16 11.89
CA LEU A 470 11.74 -11.67 12.09
C LEU A 470 11.72 -12.84 13.06
N MET B 1 -18.75 -9.92 -18.22
CA MET B 1 -18.27 -8.72 -17.54
C MET B 1 -18.82 -8.63 -16.11
N LYS B 2 -19.88 -9.38 -15.79
CA LYS B 2 -20.42 -9.32 -14.44
C LYS B 2 -19.45 -9.91 -13.44
N LYS B 3 -19.50 -9.38 -12.21
CA LYS B 3 -18.73 -9.91 -11.08
C LYS B 3 -19.56 -10.79 -10.15
N THR B 4 -20.83 -10.43 -9.91
CA THR B 4 -21.70 -11.22 -9.06
C THR B 4 -21.96 -12.56 -9.70
N LYS B 5 -21.92 -13.62 -8.90
CA LYS B 5 -22.05 -14.99 -9.38
C LYS B 5 -23.49 -15.48 -9.23
N ILE B 6 -23.92 -16.36 -10.13
CA ILE B 6 -25.31 -16.82 -10.17
C ILE B 6 -25.37 -18.30 -9.83
N VAL B 7 -26.20 -18.64 -8.84
CA VAL B 7 -26.49 -20.03 -8.50
C VAL B 7 -27.82 -20.44 -9.12
N CYS B 8 -27.84 -21.58 -9.82
CA CYS B 8 -29.05 -22.08 -10.47
C CYS B 8 -29.43 -23.45 -9.93
N THR B 9 -30.63 -23.54 -9.38
CA THR B 9 -31.19 -24.83 -9.03
C THR B 9 -31.58 -25.57 -10.30
N ILE B 10 -31.00 -26.76 -10.49
CA ILE B 10 -31.22 -27.53 -11.71
C ILE B 10 -32.26 -28.60 -11.43
N GLY B 11 -33.20 -28.74 -12.35
CA GLY B 11 -34.26 -29.70 -12.27
C GLY B 11 -34.58 -30.32 -13.63
N PRO B 12 -35.74 -30.95 -13.73
CA PRO B 12 -36.10 -31.62 -14.99
C PRO B 12 -35.96 -30.79 -16.26
N LYS B 13 -36.39 -29.52 -16.24
CA LYS B 13 -36.35 -28.70 -17.45
C LYS B 13 -34.94 -28.33 -17.86
N THR B 14 -33.98 -28.33 -16.92
CA THR B 14 -32.63 -27.83 -17.17
C THR B 14 -31.52 -28.85 -16.98
N GLU B 15 -31.84 -30.13 -16.76
CA GLU B 15 -30.80 -31.09 -16.42
C GLU B 15 -30.01 -31.63 -17.61
N SER B 16 -30.54 -31.53 -18.83
CA SER B 16 -29.81 -32.05 -19.99
C SER B 16 -28.48 -31.34 -20.19
N GLU B 17 -27.53 -32.02 -20.85
CA GLU B 17 -26.25 -31.39 -21.19
C GLU B 17 -26.46 -30.19 -22.10
N GLU B 18 -27.42 -30.29 -23.02
CA GLU B 18 -27.75 -29.17 -23.88
C GLU B 18 -28.13 -27.95 -23.07
N MET B 19 -29.05 -28.13 -22.11
CA MET B 19 -29.53 -27.02 -21.31
C MET B 19 -28.42 -26.45 -20.44
N LEU B 20 -27.69 -27.32 -19.75
CA LEU B 20 -26.62 -26.86 -18.88
C LEU B 20 -25.63 -25.99 -19.63
N ALA B 21 -25.25 -26.40 -20.84
CA ALA B 21 -24.35 -25.60 -21.65
C ALA B 21 -24.93 -24.21 -21.92
N LYS B 22 -26.23 -24.16 -22.27
CA LYS B 22 -26.88 -22.87 -22.51
C LYS B 22 -27.02 -22.06 -21.23
N MET B 23 -27.22 -22.72 -20.08
CA MET B 23 -27.30 -22.03 -18.81
C MET B 23 -25.97 -21.37 -18.49
N LEU B 24 -24.86 -22.05 -18.77
CA LEU B 24 -23.55 -21.48 -18.46
C LEU B 24 -23.27 -20.27 -19.37
N ASP B 25 -23.60 -20.39 -20.66
CA ASP B 25 -23.47 -19.24 -21.56
C ASP B 25 -24.20 -18.04 -21.00
N ALA B 26 -25.43 -18.26 -20.51
CA ALA B 26 -26.27 -17.20 -20.00
C ALA B 26 -25.77 -16.63 -18.66
N GLY B 27 -24.87 -17.32 -17.94
CA GLY B 27 -24.31 -16.73 -16.74
C GLY B 27 -24.28 -17.58 -15.50
N MET B 28 -24.80 -18.81 -15.60
CA MET B 28 -24.75 -19.70 -14.45
C MET B 28 -23.31 -19.98 -14.06
N ASN B 29 -23.02 -19.87 -12.77
CA ASN B 29 -21.73 -20.20 -12.20
C ASN B 29 -21.74 -21.42 -11.29
N VAL B 30 -22.84 -21.65 -10.57
CA VAL B 30 -22.92 -22.71 -9.58
C VAL B 30 -24.22 -23.48 -9.74
N MET B 31 -24.13 -24.81 -9.73
CA MET B 31 -25.31 -25.67 -9.77
C MET B 31 -25.75 -26.02 -8.37
N ARG B 32 -27.03 -25.80 -8.08
CA ARG B 32 -27.63 -26.16 -6.80
C ARG B 32 -28.50 -27.40 -6.99
N LEU B 33 -28.27 -28.40 -6.15
CA LEU B 33 -29.09 -29.59 -6.09
C LEU B 33 -29.94 -29.48 -4.85
N ASN B 34 -31.26 -29.38 -5.03
CA ASN B 34 -32.20 -29.20 -3.93
C ASN B 34 -32.67 -30.58 -3.46
N PHE B 35 -32.12 -31.06 -2.35
CA PHE B 35 -32.45 -32.41 -1.91
C PHE B 35 -33.76 -32.52 -1.17
N SER B 36 -34.57 -31.46 -1.18
CA SER B 36 -35.96 -31.62 -0.79
C SER B 36 -36.68 -32.56 -1.73
N HIS B 37 -36.17 -32.71 -2.96
CA HIS B 37 -36.78 -33.51 -4.00
C HIS B 37 -35.71 -34.29 -4.72
N GLY B 38 -36.13 -35.26 -5.52
CA GLY B 38 -35.23 -36.07 -6.30
C GLY B 38 -34.56 -37.18 -5.49
N ASP B 39 -34.11 -38.21 -6.20
CA ASP B 39 -33.36 -39.29 -5.61
C ASP B 39 -31.92 -39.29 -6.11
N TYR B 40 -31.09 -40.13 -5.50
CA TYR B 40 -29.66 -40.10 -5.78
C TYR B 40 -29.37 -40.30 -7.27
N ALA B 41 -30.20 -41.09 -7.96
CA ALA B 41 -30.00 -41.27 -9.40
C ALA B 41 -30.14 -39.95 -10.17
N GLU B 42 -31.23 -39.21 -9.91
CA GLU B 42 -31.46 -37.96 -10.64
C GLU B 42 -30.34 -36.97 -10.37
N HIS B 43 -29.96 -36.83 -9.10
CA HIS B 43 -28.92 -35.88 -8.73
C HIS B 43 -27.57 -36.31 -9.27
N GLY B 44 -27.30 -37.62 -9.26
CA GLY B 44 -26.06 -38.13 -9.84
C GLY B 44 -25.95 -37.84 -11.33
N GLN B 45 -27.06 -38.00 -12.06
CA GLN B 45 -27.05 -37.69 -13.48
C GLN B 45 -26.80 -36.20 -13.72
N ARG B 46 -27.42 -35.35 -12.90
CA ARG B 46 -27.18 -33.91 -13.02
C ARG B 46 -25.71 -33.57 -12.79
N ILE B 47 -25.08 -34.19 -11.80
CA ILE B 47 -23.66 -33.93 -11.58
C ILE B 47 -22.87 -34.42 -12.78
N GLN B 48 -23.24 -35.59 -13.30
CA GLN B 48 -22.57 -36.15 -14.47
C GLN B 48 -22.68 -35.23 -15.67
N ASN B 49 -23.88 -34.71 -15.94
CA ASN B 49 -24.10 -33.89 -17.14
C ASN B 49 -23.27 -32.61 -17.08
N LEU B 50 -23.27 -31.94 -15.93
CA LEU B 50 -22.47 -30.74 -15.80
C LEU B 50 -21.00 -31.04 -16.01
N ARG B 51 -20.49 -32.13 -15.42
CA ARG B 51 -19.07 -32.40 -15.55
C ARG B 51 -18.71 -32.78 -16.98
N ASN B 52 -19.63 -33.43 -17.70
CA ASN B 52 -19.43 -33.61 -19.14
C ASN B 52 -19.35 -32.27 -19.87
N VAL B 53 -20.31 -31.37 -19.61
CA VAL B 53 -20.29 -30.06 -20.25
C VAL B 53 -19.02 -29.30 -19.90
N MET B 54 -18.59 -29.39 -18.64
CA MET B 54 -17.36 -28.72 -18.22
C MET B 54 -16.13 -29.32 -18.92
N SER B 55 -16.07 -30.65 -18.98
CA SER B 55 -14.97 -31.34 -19.62
C SER B 55 -14.87 -30.95 -21.09
N LYS B 56 -16.01 -30.94 -21.80
CA LYS B 56 -16.02 -30.66 -23.23
C LYS B 56 -15.75 -29.19 -23.52
N THR B 57 -16.28 -28.27 -22.71
CA THR B 57 -16.19 -26.85 -23.03
C THR B 57 -15.07 -26.13 -22.30
N GLY B 58 -14.40 -26.79 -21.35
CA GLY B 58 -13.40 -26.13 -20.55
C GLY B 58 -13.88 -25.02 -19.64
N LYS B 59 -15.20 -24.92 -19.43
CA LYS B 59 -15.79 -23.95 -18.52
C LYS B 59 -15.80 -24.50 -17.10
N THR B 60 -15.72 -23.59 -16.12
CA THR B 60 -15.72 -23.95 -14.70
C THR B 60 -17.10 -23.71 -14.07
N ALA B 61 -17.45 -24.57 -13.14
CA ALA B 61 -18.65 -24.33 -12.35
C ALA B 61 -18.50 -25.09 -11.05
N ALA B 62 -19.25 -24.67 -10.05
CA ALA B 62 -19.25 -25.36 -8.78
C ALA B 62 -20.58 -26.11 -8.61
N ILE B 63 -20.57 -27.10 -7.72
CA ILE B 63 -21.75 -27.88 -7.39
C ILE B 63 -22.05 -27.71 -5.91
N LEU B 64 -23.29 -27.34 -5.60
CA LEU B 64 -23.76 -27.07 -4.24
C LEU B 64 -24.93 -27.99 -3.88
N LEU B 65 -24.76 -28.78 -2.82
CA LEU B 65 -25.83 -29.63 -2.30
C LEU B 65 -26.57 -28.88 -1.20
N ASP B 66 -27.88 -28.63 -1.39
CA ASP B 66 -28.71 -27.93 -0.43
C ASP B 66 -29.59 -28.97 0.29
N THR B 67 -29.34 -29.19 1.58
CA THR B 67 -30.06 -30.25 2.29
C THR B 67 -31.52 -29.88 2.45
N LYS B 68 -32.37 -30.92 2.56
CA LYS B 68 -33.76 -30.68 2.89
C LYS B 68 -33.88 -30.06 4.28
N GLY B 69 -33.20 -30.67 5.26
CA GLY B 69 -33.18 -30.16 6.61
C GLY B 69 -34.29 -30.72 7.47
N PRO B 70 -34.24 -30.52 8.77
CA PRO B 70 -35.34 -30.93 9.64
C PRO B 70 -36.48 -29.92 9.62
N GLU B 71 -37.70 -30.41 9.83
CA GLU B 71 -38.86 -29.54 9.74
C GLU B 71 -40.00 -29.97 10.67
N ILE B 72 -40.90 -29.04 10.96
CA ILE B 72 -42.16 -29.33 11.62
C ILE B 72 -43.27 -29.19 10.57
N ARG B 73 -43.99 -30.28 10.32
CA ARG B 73 -45.11 -30.27 9.39
C ARG B 73 -46.35 -30.80 10.07
N THR B 74 -47.51 -30.27 9.66
CA THR B 74 -48.75 -30.91 10.06
C THR B 74 -48.94 -32.19 9.25
N MET B 75 -49.92 -33.00 9.63
CA MET B 75 -50.07 -34.27 8.96
C MET B 75 -51.38 -34.37 8.21
N LYS B 76 -52.04 -35.54 8.26
CA LYS B 76 -53.15 -35.85 7.37
C LYS B 76 -54.47 -35.39 7.97
N LEU B 77 -55.49 -35.36 7.11
CA LEU B 77 -56.82 -34.91 7.51
C LEU B 77 -57.87 -35.92 7.05
N GLU B 78 -59.01 -35.91 7.76
CA GLU B 78 -60.13 -36.74 7.39
C GLU B 78 -60.51 -36.54 5.93
N GLY B 79 -60.57 -37.67 5.21
CA GLY B 79 -60.94 -37.65 3.80
C GLY B 79 -60.00 -36.86 2.92
N GLY B 80 -58.80 -36.53 3.42
CA GLY B 80 -57.86 -35.65 2.77
C GLY B 80 -58.41 -34.29 2.33
N ASN B 81 -59.45 -33.82 3.03
CA ASN B 81 -60.17 -32.61 2.67
C ASN B 81 -59.72 -31.45 3.56
N ASP B 82 -59.55 -30.28 2.93
CA ASP B 82 -59.24 -29.08 3.67
C ASP B 82 -60.31 -28.83 4.74
N VAL B 83 -59.90 -28.25 5.85
CA VAL B 83 -60.84 -27.83 6.89
C VAL B 83 -60.70 -26.32 7.04
N SER B 84 -61.83 -25.66 7.35
CA SER B 84 -61.88 -24.20 7.39
C SER B 84 -61.85 -23.75 8.85
N LEU B 85 -60.72 -23.19 9.26
CA LEU B 85 -60.55 -22.69 10.62
C LEU B 85 -61.06 -21.26 10.74
N LYS B 86 -61.79 -21.00 11.81
CA LYS B 86 -62.41 -19.71 12.06
C LYS B 86 -61.66 -18.99 13.16
N ALA B 87 -61.34 -17.72 12.92
CA ALA B 87 -60.78 -16.89 13.97
C ALA B 87 -61.58 -17.04 15.25
N GLY B 88 -60.87 -17.13 16.38
CA GLY B 88 -61.49 -17.24 17.68
C GLY B 88 -61.73 -18.66 18.17
N GLN B 89 -61.74 -19.63 17.26
CA GLN B 89 -61.99 -21.00 17.65
C GLN B 89 -60.79 -21.60 18.37
N THR B 90 -61.06 -22.66 19.10
CA THR B 90 -60.01 -23.47 19.68
C THR B 90 -59.51 -24.45 18.62
N PHE B 91 -58.20 -24.67 18.62
CA PHE B 91 -57.61 -25.67 17.72
C PHE B 91 -56.44 -26.28 18.45
N THR B 92 -56.27 -27.58 18.28
CA THR B 92 -55.25 -28.32 19.01
C THR B 92 -54.31 -29.06 18.07
N PHE B 93 -53.03 -29.02 18.41
CA PHE B 93 -52.03 -29.88 17.79
C PHE B 93 -51.77 -31.05 18.72
N THR B 94 -51.52 -32.24 18.15
CA THR B 94 -51.11 -33.39 18.95
C THR B 94 -49.80 -33.94 18.40
N THR B 95 -48.93 -34.41 19.30
CA THR B 95 -47.69 -35.05 18.87
C THR B 95 -47.91 -36.49 18.43
N ASP B 96 -49.09 -37.05 18.74
CA ASP B 96 -49.50 -38.38 18.29
C ASP B 96 -49.64 -38.44 16.77
N LYS B 97 -48.64 -39.03 16.10
CA LYS B 97 -48.63 -39.09 14.65
C LYS B 97 -49.78 -39.92 14.09
N SER B 98 -50.37 -40.80 14.89
CA SER B 98 -51.44 -41.66 14.39
C SER B 98 -52.75 -40.92 14.17
N VAL B 99 -52.89 -39.71 14.69
CA VAL B 99 -54.15 -38.99 14.62
C VAL B 99 -54.37 -38.43 13.21
N ILE B 100 -55.53 -38.71 12.65
CA ILE B 100 -56.03 -38.07 11.44
C ILE B 100 -56.74 -36.80 11.86
N GLY B 101 -56.51 -35.68 11.13
CA GLY B 101 -57.00 -34.38 11.57
C GLY B 101 -58.42 -34.02 11.09
N ASN B 102 -58.89 -32.87 11.58
CA ASN B 102 -60.19 -32.29 11.20
C ASN B 102 -60.18 -30.82 11.62
N SER B 103 -61.36 -30.20 11.66
CA SER B 103 -61.44 -28.77 11.96
C SER B 103 -61.03 -28.43 13.38
N GLU B 104 -60.93 -29.41 14.29
CA GLU B 104 -60.59 -29.12 15.67
C GLU B 104 -59.16 -29.51 16.08
N MET B 105 -58.53 -30.45 15.38
CA MET B 105 -57.24 -30.94 15.83
C MET B 105 -56.51 -31.60 14.66
N VAL B 106 -55.17 -31.44 14.64
CA VAL B 106 -54.31 -32.12 13.67
C VAL B 106 -53.02 -32.54 14.37
N ALA B 107 -52.40 -33.60 13.85
CA ALA B 107 -51.11 -34.04 14.36
C ALA B 107 -49.95 -33.30 13.68
N VAL B 108 -48.83 -33.19 14.41
CA VAL B 108 -47.57 -32.66 13.89
C VAL B 108 -46.51 -33.76 13.95
N THR B 109 -45.45 -33.57 13.17
CA THR B 109 -44.40 -34.57 13.00
C THR B 109 -43.34 -34.56 14.08
N TYR B 110 -43.29 -33.52 14.91
CA TYR B 110 -42.19 -33.26 15.82
C TYR B 110 -42.62 -33.58 17.24
N GLU B 111 -41.99 -34.58 17.84
CA GLU B 111 -42.35 -34.97 19.20
C GLU B 111 -42.17 -33.85 20.22
N GLY B 112 -41.14 -33.03 20.06
CA GLY B 112 -40.82 -31.94 20.95
C GLY B 112 -41.74 -30.73 20.91
N PHE B 113 -42.79 -30.75 20.08
CA PHE B 113 -43.70 -29.61 19.96
C PHE B 113 -44.26 -29.14 21.30
N THR B 114 -44.70 -30.06 22.16
CA THR B 114 -45.18 -29.66 23.48
C THR B 114 -44.07 -29.06 24.34
N THR B 115 -42.89 -29.68 24.31
CA THR B 115 -41.77 -29.21 25.12
C THR B 115 -41.37 -27.78 24.76
N ASP B 116 -41.10 -27.52 23.47
CA ASP B 116 -40.42 -26.29 23.07
C ASP B 116 -41.31 -25.05 23.12
N LEU B 117 -42.63 -25.22 23.06
CA LEU B 117 -43.57 -24.12 23.03
C LEU B 117 -43.97 -23.69 24.45
N SER B 118 -44.53 -22.50 24.55
CA SER B 118 -45.02 -21.96 25.81
C SER B 118 -46.35 -21.27 25.57
N VAL B 119 -47.25 -21.35 26.56
CA VAL B 119 -48.48 -20.57 26.52
C VAL B 119 -48.12 -19.12 26.21
N GLY B 120 -48.77 -18.55 25.18
CA GLY B 120 -48.48 -17.22 24.70
C GLY B 120 -47.76 -17.20 23.36
N ASN B 121 -47.02 -18.26 23.02
CA ASN B 121 -46.28 -18.35 21.76
C ASN B 121 -47.23 -18.33 20.57
N THR B 122 -46.69 -17.92 19.44
CA THR B 122 -47.43 -17.95 18.17
C THR B 122 -47.02 -19.17 17.36
N VAL B 123 -48.01 -19.91 16.87
CA VAL B 123 -47.85 -20.99 15.92
C VAL B 123 -48.36 -20.49 14.57
N LEU B 124 -47.50 -20.49 13.55
CA LEU B 124 -47.90 -20.18 12.18
C LEU B 124 -47.94 -21.47 11.38
N VAL B 125 -49.01 -21.67 10.60
CA VAL B 125 -49.18 -22.86 9.78
C VAL B 125 -49.26 -22.45 8.32
N ASP B 126 -48.55 -23.18 7.46
CA ASP B 126 -48.57 -23.07 6.00
C ASP B 126 -48.06 -21.71 5.52
N ASP B 127 -46.76 -21.48 5.74
CA ASP B 127 -46.11 -20.20 5.42
C ASP B 127 -46.91 -19.03 5.97
N GLY B 128 -47.28 -19.11 7.25
CA GLY B 128 -48.00 -18.03 7.89
C GLY B 128 -49.41 -17.77 7.41
N LEU B 129 -50.00 -18.68 6.64
CA LEU B 129 -51.40 -18.52 6.24
C LEU B 129 -52.29 -18.40 7.48
N ILE B 130 -52.15 -19.34 8.42
CA ILE B 130 -52.94 -19.35 9.64
C ILE B 130 -52.03 -19.09 10.82
N GLY B 131 -52.41 -18.14 11.67
CA GLY B 131 -51.67 -17.84 12.90
C GLY B 131 -52.53 -18.22 14.09
N MET B 132 -51.90 -18.81 15.10
CA MET B 132 -52.63 -19.24 16.30
C MET B 132 -51.78 -18.87 17.51
N GLU B 133 -52.46 -18.66 18.62
CA GLU B 133 -51.78 -18.37 19.87
C GLU B 133 -52.02 -19.52 20.83
N VAL B 134 -50.94 -20.08 21.38
CA VAL B 134 -51.02 -21.19 22.32
C VAL B 134 -51.68 -20.71 23.61
N THR B 135 -52.76 -21.40 24.02
CA THR B 135 -53.45 -21.09 25.27
C THR B 135 -53.25 -22.12 26.36
N ALA B 136 -52.87 -23.35 26.02
CA ALA B 136 -52.56 -24.33 27.04
C ALA B 136 -51.75 -25.44 26.40
N ILE B 137 -50.89 -26.06 27.22
CA ILE B 137 -50.13 -27.24 26.81
C ILE B 137 -50.39 -28.30 27.87
N GLU B 138 -50.83 -29.47 27.42
CA GLU B 138 -51.43 -30.48 28.26
C GLU B 138 -51.08 -31.84 27.69
N GLY B 139 -50.37 -32.65 28.45
CA GLY B 139 -49.93 -33.93 27.95
C GLY B 139 -49.19 -33.80 26.64
N ASN B 140 -49.75 -34.42 25.59
CA ASN B 140 -49.20 -34.40 24.24
C ASN B 140 -49.94 -33.44 23.32
N LYS B 141 -50.54 -32.40 23.87
CA LYS B 141 -51.41 -31.50 23.11
C LYS B 141 -51.00 -30.05 23.32
N VAL B 142 -51.03 -29.29 22.24
CA VAL B 142 -50.85 -27.84 22.30
C VAL B 142 -52.18 -27.24 21.86
N ILE B 143 -52.96 -26.73 22.83
CA ILE B 143 -54.25 -26.11 22.56
C ILE B 143 -54.05 -24.63 22.25
N CYS B 144 -54.66 -24.17 21.16
CA CYS B 144 -54.50 -22.81 20.67
C CYS B 144 -55.84 -22.16 20.36
N LYS B 145 -55.77 -20.85 20.24
CA LYS B 145 -56.84 -20.01 19.73
C LYS B 145 -56.43 -19.51 18.35
N VAL B 146 -57.25 -19.77 17.35
CA VAL B 146 -56.95 -19.35 16.00
C VAL B 146 -57.10 -17.84 15.93
N LEU B 147 -56.16 -17.18 15.27
CA LEU B 147 -56.19 -15.73 15.14
C LEU B 147 -56.88 -15.24 13.88
N ASN B 148 -56.77 -15.97 12.78
CA ASN B 148 -57.35 -15.53 11.52
C ASN B 148 -58.01 -16.71 10.84
N ASN B 149 -59.06 -16.41 10.09
CA ASN B 149 -59.63 -17.44 9.23
C ASN B 149 -58.59 -17.95 8.25
N GLY B 150 -58.72 -19.22 7.90
CA GLY B 150 -57.88 -19.82 6.90
C GLY B 150 -58.33 -21.26 6.71
N ASP B 151 -57.85 -21.83 5.60
CA ASP B 151 -58.10 -23.22 5.26
C ASP B 151 -56.85 -24.05 5.52
N LEU B 152 -57.04 -25.15 6.25
CA LEU B 152 -55.95 -26.04 6.62
C LEU B 152 -55.92 -27.23 5.69
N GLY B 153 -54.87 -27.31 4.88
CA GLY B 153 -54.64 -28.48 4.07
C GLY B 153 -53.80 -29.49 4.81
N GLU B 154 -53.52 -30.59 4.13
CA GLU B 154 -52.70 -31.62 4.72
C GLU B 154 -51.23 -31.25 4.57
N ASN B 155 -50.41 -31.86 5.42
CA ASN B 155 -48.96 -31.71 5.34
C ASN B 155 -48.50 -30.29 5.03
N LYS B 156 -48.64 -29.36 5.99
CA LYS B 156 -48.19 -28.00 5.82
C LYS B 156 -47.10 -27.70 6.83
N GLY B 157 -46.20 -26.79 6.44
CA GLY B 157 -45.13 -26.40 7.34
C GLY B 157 -45.64 -25.58 8.52
N VAL B 158 -44.95 -25.72 9.64
CA VAL B 158 -45.21 -24.93 10.83
C VAL B 158 -43.98 -24.09 11.15
N ASN B 159 -44.20 -22.83 11.52
CA ASN B 159 -43.15 -21.94 12.00
C ASN B 159 -43.49 -21.44 13.40
N LEU B 160 -42.47 -21.30 14.25
CA LEU B 160 -42.62 -20.87 15.64
C LEU B 160 -41.75 -19.63 15.86
N PRO B 161 -42.26 -18.46 15.51
CA PRO B 161 -41.45 -17.25 15.62
C PRO B 161 -40.84 -17.10 17.01
N GLY B 162 -39.55 -16.84 17.04
CA GLY B 162 -38.85 -16.60 18.28
C GLY B 162 -38.68 -17.80 19.21
N VAL B 163 -39.10 -18.99 18.83
CA VAL B 163 -38.91 -20.16 19.68
C VAL B 163 -37.62 -20.88 19.29
N SER B 164 -36.83 -21.29 20.28
CA SER B 164 -35.66 -22.14 20.06
C SER B 164 -36.14 -23.58 19.97
N ILE B 165 -36.01 -24.17 18.78
CA ILE B 165 -36.58 -25.50 18.53
C ILE B 165 -35.48 -26.54 18.64
N ALA B 166 -35.79 -27.64 19.34
CA ALA B 166 -34.80 -28.68 19.61
C ALA B 166 -34.81 -29.79 18.57
N LEU B 167 -35.07 -29.44 17.32
CA LEU B 167 -34.86 -30.38 16.23
C LEU B 167 -33.37 -30.61 16.09
N PRO B 168 -32.97 -31.78 15.60
CA PRO B 168 -31.54 -32.03 15.35
C PRO B 168 -30.98 -31.14 14.25
N ALA B 169 -29.66 -30.95 14.29
CA ALA B 169 -28.98 -30.25 13.21
C ALA B 169 -29.28 -30.90 11.86
N LEU B 170 -29.32 -32.23 11.80
CA LEU B 170 -29.51 -32.99 10.57
C LEU B 170 -30.66 -33.98 10.75
N ALA B 171 -31.59 -34.00 9.79
CA ALA B 171 -32.53 -35.11 9.72
C ALA B 171 -31.78 -36.39 9.34
N GLU B 172 -32.43 -37.54 9.55
CA GLU B 172 -31.80 -38.81 9.19
C GLU B 172 -31.52 -38.89 7.68
N LYS B 173 -32.50 -38.54 6.86
CA LYS B 173 -32.29 -38.39 5.42
C LYS B 173 -31.13 -37.45 5.10
N ASP B 174 -31.03 -36.31 5.81
CA ASP B 174 -29.91 -35.38 5.59
C ASP B 174 -28.56 -36.09 5.72
N LYS B 175 -28.43 -36.93 6.74
CA LYS B 175 -27.16 -37.60 6.97
C LYS B 175 -26.78 -38.48 5.80
N GLN B 176 -27.76 -39.17 5.20
CA GLN B 176 -27.47 -39.96 4.00
C GLN B 176 -27.11 -39.08 2.81
N ASP B 177 -27.87 -37.99 2.64
CA ASP B 177 -27.59 -37.05 1.57
C ASP B 177 -26.17 -36.53 1.66
N LEU B 178 -25.65 -36.29 2.87
CA LEU B 178 -24.31 -35.75 2.96
C LEU B 178 -23.28 -36.81 2.54
N ILE B 179 -23.53 -38.07 2.87
CA ILE B 179 -22.59 -39.09 2.43
C ILE B 179 -22.55 -39.11 0.90
N PHE B 180 -23.72 -39.00 0.27
CA PHE B 180 -23.81 -38.90 -1.17
C PHE B 180 -22.97 -37.76 -1.71
N GLY B 181 -23.08 -36.59 -1.07
CA GLY B 181 -22.32 -35.44 -1.52
C GLY B 181 -20.81 -35.62 -1.44
N CYS B 182 -20.34 -36.31 -0.39
CA CYS B 182 -18.94 -36.67 -0.31
C CYS B 182 -18.57 -37.65 -1.41
N GLU B 183 -19.40 -38.68 -1.59
CA GLU B 183 -19.17 -39.68 -2.63
C GLU B 183 -19.00 -39.01 -3.99
N GLN B 184 -19.81 -37.99 -4.25
CA GLN B 184 -19.85 -37.24 -5.50
C GLN B 184 -18.85 -36.09 -5.53
N GLY B 185 -18.16 -35.85 -4.42
CA GLY B 185 -17.22 -34.73 -4.33
C GLY B 185 -17.82 -33.39 -4.65
N VAL B 186 -19.00 -33.08 -4.09
CA VAL B 186 -19.58 -31.75 -4.28
C VAL B 186 -18.63 -30.71 -3.66
N ASP B 187 -18.77 -29.48 -4.14
CA ASP B 187 -17.92 -28.38 -3.70
C ASP B 187 -18.46 -27.68 -2.47
N PHE B 188 -19.78 -27.60 -2.33
CA PHE B 188 -20.43 -26.91 -1.24
C PHE B 188 -21.57 -27.74 -0.70
N VAL B 189 -21.79 -27.64 0.60
CA VAL B 189 -23.01 -28.13 1.23
C VAL B 189 -23.67 -26.93 1.88
N ALA B 190 -24.91 -26.65 1.49
CA ALA B 190 -25.72 -25.60 2.10
C ALA B 190 -26.63 -26.30 3.10
N ALA B 191 -26.39 -26.05 4.39
CA ALA B 191 -27.11 -26.74 5.46
C ALA B 191 -28.36 -25.96 5.86
N SER B 192 -29.50 -26.63 5.84
CA SER B 192 -30.75 -25.95 6.13
C SER B 192 -30.94 -25.72 7.62
N PHE B 193 -31.73 -24.67 7.93
CA PHE B 193 -32.25 -24.37 9.28
C PHE B 193 -31.16 -24.35 10.36
N ILE B 194 -30.05 -23.68 10.07
CA ILE B 194 -28.97 -23.61 11.04
C ILE B 194 -29.35 -22.65 12.17
N ARG B 195 -29.21 -23.11 13.42
CA ARG B 195 -29.65 -22.33 14.57
C ARG B 195 -28.56 -21.95 15.56
N LYS B 196 -27.45 -22.66 15.60
CA LYS B 196 -26.41 -22.38 16.58
C LYS B 196 -25.10 -23.01 16.12
N ARG B 197 -24.02 -22.59 16.77
CA ARG B 197 -22.69 -23.10 16.47
C ARG B 197 -22.65 -24.63 16.41
N SER B 198 -23.29 -25.30 17.36
CA SER B 198 -23.13 -26.75 17.43
C SER B 198 -23.71 -27.47 16.20
N ASP B 199 -24.67 -26.87 15.51
CA ASP B 199 -25.16 -27.48 14.28
C ASP B 199 -24.07 -27.53 13.22
N VAL B 200 -23.34 -26.42 13.06
CA VAL B 200 -22.28 -26.39 12.06
C VAL B 200 -21.23 -27.44 12.36
N ILE B 201 -20.92 -27.62 13.66
CA ILE B 201 -19.86 -28.55 14.02
C ILE B 201 -20.29 -29.97 13.72
N GLU B 202 -21.54 -30.30 14.06
CA GLU B 202 -22.06 -31.63 13.78
C GLU B 202 -21.97 -31.96 12.30
N ILE B 203 -22.25 -30.98 11.44
CA ILE B 203 -22.14 -31.19 10.01
C ILE B 203 -20.70 -31.32 9.58
N ARG B 204 -19.82 -30.50 10.17
CA ARG B 204 -18.39 -30.57 9.90
C ARG B 204 -17.85 -31.95 10.25
N GLU B 205 -18.29 -32.51 11.39
CA GLU B 205 -17.79 -33.80 11.81
C GLU B 205 -18.30 -34.90 10.88
N HIS B 206 -19.55 -34.78 10.44
CA HIS B 206 -20.15 -35.78 9.58
C HIS B 206 -19.46 -35.80 8.20
N LEU B 207 -19.24 -34.62 7.61
CA LEU B 207 -18.47 -34.57 6.37
C LEU B 207 -17.06 -35.11 6.57
N LYS B 208 -16.45 -34.83 7.71
CA LYS B 208 -15.07 -35.22 7.89
C LYS B 208 -14.96 -36.72 7.98
N ALA B 209 -15.99 -37.35 8.53
CA ALA B 209 -16.03 -38.79 8.67
C ALA B 209 -16.21 -39.49 7.34
N HIS B 210 -16.46 -38.75 6.26
CA HIS B 210 -16.68 -39.40 4.98
C HIS B 210 -15.81 -38.78 3.91
N GLY B 211 -14.65 -38.25 4.30
CA GLY B 211 -13.69 -37.70 3.37
C GLY B 211 -14.08 -36.37 2.79
N GLY B 212 -15.03 -35.68 3.44
CA GLY B 212 -15.49 -34.39 2.94
C GLY B 212 -14.86 -33.20 3.61
N GLU B 213 -13.72 -33.37 4.29
CA GLU B 213 -13.14 -32.26 5.05
C GLU B 213 -12.91 -31.01 4.20
N ASN B 214 -12.88 -31.15 2.87
CA ASN B 214 -12.64 -30.03 1.98
C ASN B 214 -13.92 -29.43 1.41
N ILE B 215 -15.07 -29.96 1.78
CA ILE B 215 -16.33 -29.41 1.30
C ILE B 215 -16.67 -28.19 2.15
N HIS B 216 -16.84 -27.05 1.50
CA HIS B 216 -17.21 -25.84 2.20
C HIS B 216 -18.68 -25.90 2.62
N ILE B 217 -18.96 -25.47 3.86
CA ILE B 217 -20.30 -25.48 4.44
C ILE B 217 -20.89 -24.09 4.41
N ILE B 218 -22.03 -23.92 3.73
CA ILE B 218 -22.78 -22.67 3.69
C ILE B 218 -23.97 -22.81 4.64
N SER B 219 -23.99 -22.03 5.70
CA SER B 219 -25.07 -22.12 6.68
C SER B 219 -26.26 -21.27 6.21
N LYS B 220 -27.43 -21.89 6.16
CA LYS B 220 -28.67 -21.18 5.82
C LYS B 220 -29.27 -20.60 7.09
N ILE B 221 -29.32 -19.29 7.18
CA ILE B 221 -29.95 -18.61 8.31
C ILE B 221 -31.43 -18.42 7.97
N GLU B 222 -32.31 -19.01 8.78
CA GLU B 222 -33.73 -19.02 8.46
C GLU B 222 -34.65 -18.49 9.57
N ASN B 223 -34.18 -18.33 10.79
CA ASN B 223 -35.07 -17.98 11.90
C ASN B 223 -34.35 -17.08 12.89
N GLN B 224 -35.09 -16.66 13.92
CA GLN B 224 -34.56 -15.71 14.90
C GLN B 224 -33.37 -16.28 15.66
N GLU B 225 -33.42 -17.56 16.03
CA GLU B 225 -32.29 -18.15 16.74
C GLU B 225 -31.04 -18.10 15.88
N GLY B 226 -31.17 -18.47 14.60
CA GLY B 226 -30.04 -18.34 13.69
C GLY B 226 -29.47 -16.95 13.71
N LEU B 227 -30.32 -15.94 13.62
CA LEU B 227 -29.88 -14.56 13.71
C LEU B 227 -29.17 -14.27 15.03
N ASN B 228 -29.77 -14.70 16.16
CA ASN B 228 -29.15 -14.43 17.45
C ASN B 228 -27.74 -14.98 17.53
N ASN B 229 -27.51 -16.20 17.02
CA ASN B 229 -26.22 -16.84 17.06
C ASN B 229 -25.41 -16.62 15.78
N PHE B 230 -25.76 -15.63 14.97
CA PHE B 230 -25.14 -15.48 13.66
C PHE B 230 -23.62 -15.46 13.75
N ASP B 231 -23.04 -14.66 14.66
CA ASP B 231 -21.58 -14.56 14.72
C ASP B 231 -20.95 -15.92 14.99
N GLU B 232 -21.42 -16.61 16.04
CA GLU B 232 -21.00 -17.98 16.28
C GLU B 232 -21.09 -18.83 15.00
N ILE B 233 -22.21 -18.75 14.27
CA ILE B 233 -22.41 -19.61 13.11
C ILE B 233 -21.44 -19.25 11.98
N LEU B 234 -21.30 -17.95 11.70
CA LEU B 234 -20.34 -17.49 10.71
C LEU B 234 -18.93 -18.01 11.01
N GLU B 235 -18.51 -17.87 12.27
CA GLU B 235 -17.21 -18.38 12.69
C GLU B 235 -16.98 -19.82 12.28
N ALA B 236 -17.96 -20.70 12.52
CA ALA B 236 -17.75 -22.12 12.21
C ALA B 236 -18.01 -22.47 10.75
N SER B 237 -18.72 -21.62 10.01
CA SER B 237 -19.09 -21.92 8.63
C SER B 237 -18.03 -21.39 7.65
N ASP B 238 -18.15 -21.82 6.41
CA ASP B 238 -17.34 -21.25 5.35
C ASP B 238 -18.08 -20.15 4.60
N GLY B 239 -19.38 -20.01 4.87
CA GLY B 239 -20.21 -19.04 4.17
C GLY B 239 -21.61 -19.06 4.73
N ILE B 240 -22.46 -18.20 4.17
CA ILE B 240 -23.82 -18.00 4.66
C ILE B 240 -24.77 -17.91 3.48
N MET B 241 -25.93 -18.54 3.60
CA MET B 241 -27.03 -18.31 2.67
C MET B 241 -28.13 -17.58 3.42
N VAL B 242 -28.58 -16.46 2.87
CA VAL B 242 -29.64 -15.67 3.47
C VAL B 242 -30.98 -16.12 2.91
N ALA B 243 -31.78 -16.79 3.74
CA ALA B 243 -33.07 -17.32 3.34
C ALA B 243 -34.15 -16.29 3.68
N ARG B 244 -34.34 -15.34 2.77
CA ARG B 244 -35.24 -14.22 3.03
C ARG B 244 -36.68 -14.71 3.24
N GLY B 245 -37.14 -15.63 2.38
CA GLY B 245 -38.50 -16.15 2.49
C GLY B 245 -38.81 -16.68 3.87
N ASP B 246 -37.93 -17.54 4.39
CA ASP B 246 -38.13 -18.09 5.72
C ASP B 246 -38.10 -16.99 6.77
N LEU B 247 -37.12 -16.10 6.68
CA LEU B 247 -37.02 -15.04 7.66
C LEU B 247 -38.27 -14.20 7.67
N GLY B 248 -38.92 -14.05 6.51
CA GLY B 248 -40.16 -13.30 6.43
C GLY B 248 -41.30 -13.88 7.24
N VAL B 249 -41.24 -15.17 7.54
CA VAL B 249 -42.26 -15.82 8.36
C VAL B 249 -41.84 -15.83 9.82
N GLU B 250 -40.54 -15.74 10.11
CA GLU B 250 -40.03 -15.98 11.45
C GLU B 250 -39.77 -14.71 12.25
N ILE B 251 -39.40 -13.60 11.60
CA ILE B 251 -39.04 -12.40 12.36
C ILE B 251 -39.93 -11.24 11.91
N PRO B 252 -39.98 -10.13 12.65
CA PRO B 252 -40.80 -9.01 12.21
C PRO B 252 -40.42 -8.58 10.80
N VAL B 253 -41.45 -8.29 10.01
CA VAL B 253 -41.24 -8.16 8.57
C VAL B 253 -40.34 -6.98 8.26
N GLU B 254 -40.43 -5.90 9.03
CA GLU B 254 -39.57 -4.73 8.81
C GLU B 254 -38.12 -5.00 9.15
N GLU B 255 -37.80 -6.14 9.77
CA GLU B 255 -36.42 -6.47 10.15
C GLU B 255 -35.65 -7.25 9.08
N VAL B 256 -36.37 -7.98 8.21
CA VAL B 256 -35.75 -8.89 7.25
C VAL B 256 -34.70 -8.18 6.40
N ILE B 257 -34.98 -6.95 5.97
CA ILE B 257 -34.02 -6.25 5.11
C ILE B 257 -32.73 -5.97 5.88
N PHE B 258 -32.82 -5.55 7.14
CA PHE B 258 -31.60 -5.24 7.87
C PHE B 258 -30.87 -6.50 8.31
N ALA B 259 -31.60 -7.61 8.48
CA ALA B 259 -30.92 -8.88 8.71
C ALA B 259 -30.12 -9.28 7.49
N GLN B 260 -30.64 -8.99 6.29
CA GLN B 260 -29.90 -9.31 5.09
C GLN B 260 -28.68 -8.41 4.94
N LYS B 261 -28.81 -7.13 5.23
CA LYS B 261 -27.66 -6.25 5.12
C LYS B 261 -26.61 -6.58 6.17
N MET B 262 -27.04 -6.79 7.41
CA MET B 262 -26.11 -7.17 8.48
C MET B 262 -25.31 -8.39 8.10
N MET B 263 -25.99 -9.46 7.66
CA MET B 263 -25.31 -10.72 7.43
C MET B 263 -24.29 -10.62 6.28
N ILE B 264 -24.67 -9.96 5.19
CA ILE B 264 -23.76 -9.76 4.06
C ILE B 264 -22.53 -8.98 4.49
N GLU B 265 -22.74 -7.83 5.14
CA GLU B 265 -21.63 -7.04 5.65
C GLU B 265 -20.65 -7.91 6.45
N LYS B 266 -21.19 -8.69 7.39
CA LYS B 266 -20.31 -9.46 8.27
C LYS B 266 -19.59 -10.57 7.51
N CYS B 267 -20.23 -11.19 6.52
CA CYS B 267 -19.55 -12.18 5.72
C CYS B 267 -18.40 -11.58 4.92
N ILE B 268 -18.59 -10.37 4.38
CA ILE B 268 -17.52 -9.70 3.65
C ILE B 268 -16.33 -9.44 4.57
N ARG B 269 -16.60 -8.82 5.72
CA ARG B 269 -15.57 -8.59 6.71
C ARG B 269 -14.88 -9.88 7.13
N ALA B 270 -15.66 -10.96 7.28
CA ALA B 270 -15.10 -12.23 7.70
C ALA B 270 -14.43 -12.96 6.55
N ARG B 271 -14.52 -12.43 5.33
CA ARG B 271 -13.85 -13.02 4.16
C ARG B 271 -14.46 -14.39 3.78
N LYS B 272 -15.80 -14.50 3.87
CA LYS B 272 -16.54 -15.73 3.59
C LYS B 272 -17.70 -15.46 2.64
N VAL B 273 -17.89 -16.35 1.66
CA VAL B 273 -18.93 -16.13 0.63
C VAL B 273 -20.30 -16.02 1.28
N VAL B 274 -21.13 -15.16 0.69
CA VAL B 274 -22.54 -15.04 1.05
C VAL B 274 -23.41 -15.19 -0.21
N ILE B 275 -24.49 -15.96 -0.10
CA ILE B 275 -25.47 -16.16 -1.17
C ILE B 275 -26.80 -15.58 -0.69
N THR B 276 -27.41 -14.73 -1.51
CA THR B 276 -28.75 -14.22 -1.24
C THR B 276 -29.73 -15.10 -1.99
N ALA B 277 -30.71 -15.68 -1.28
CA ALA B 277 -31.54 -16.73 -1.87
C ALA B 277 -33.01 -16.58 -1.47
N THR B 278 -33.88 -17.22 -2.27
CA THR B 278 -35.35 -17.29 -2.16
C THR B 278 -36.01 -15.99 -2.60
N GLN B 279 -37.20 -16.09 -3.20
CA GLN B 279 -37.98 -14.92 -3.59
C GLN B 279 -37.15 -13.92 -4.40
N MET B 280 -36.46 -14.42 -5.43
CA MET B 280 -35.65 -13.59 -6.32
C MET B 280 -36.42 -13.23 -7.59
N LEU B 281 -36.62 -14.21 -8.46
CA LEU B 281 -37.36 -13.99 -9.70
C LEU B 281 -38.52 -14.98 -9.84
N ASP B 282 -39.20 -15.27 -8.71
CA ASP B 282 -40.20 -16.35 -8.69
C ASP B 282 -41.27 -16.21 -9.77
N SER B 283 -41.67 -14.99 -10.12
CA SER B 283 -42.72 -14.83 -11.12
C SER B 283 -42.34 -15.48 -12.45
N MET B 284 -41.05 -15.78 -12.68
CA MET B 284 -40.62 -16.31 -13.96
C MET B 284 -40.77 -17.83 -14.06
N ILE B 285 -41.18 -18.50 -12.99
CA ILE B 285 -41.73 -19.84 -13.11
C ILE B 285 -42.80 -19.87 -14.20
N LYS B 286 -43.64 -18.83 -14.22
CA LYS B 286 -44.76 -18.71 -15.15
C LYS B 286 -44.55 -17.69 -16.28
N ASN B 287 -43.83 -16.57 -16.05
CA ASN B 287 -43.78 -15.49 -17.04
C ASN B 287 -42.39 -15.32 -17.65
N PRO B 288 -42.28 -14.82 -18.87
CA PRO B 288 -40.96 -14.64 -19.51
C PRO B 288 -40.18 -13.40 -19.07
N ARG B 289 -40.79 -12.51 -18.30
CA ARG B 289 -40.08 -11.35 -17.77
C ARG B 289 -40.35 -11.29 -16.28
N PRO B 290 -39.37 -10.84 -15.50
CA PRO B 290 -39.63 -10.63 -14.07
C PRO B 290 -40.45 -9.36 -13.85
N THR B 291 -40.85 -9.14 -12.60
CA THR B 291 -41.50 -7.88 -12.25
C THR B 291 -40.45 -6.83 -11.93
N ARG B 292 -40.89 -5.57 -12.02
CA ARG B 292 -40.04 -4.46 -11.60
C ARG B 292 -39.52 -4.68 -10.19
N ALA B 293 -40.41 -5.05 -9.27
CA ALA B 293 -40.02 -5.31 -7.89
C ALA B 293 -38.96 -6.40 -7.79
N GLU B 294 -39.16 -7.54 -8.45
CA GLU B 294 -38.17 -8.61 -8.39
C GLU B 294 -36.83 -8.13 -8.90
N ALA B 295 -36.84 -7.36 -10.00
CA ALA B 295 -35.61 -6.77 -10.51
C ALA B 295 -34.96 -5.89 -9.47
N GLY B 296 -35.77 -5.04 -8.81
CA GLY B 296 -35.22 -4.14 -7.81
C GLY B 296 -34.68 -4.87 -6.59
N ASP B 297 -35.35 -5.96 -6.19
CA ASP B 297 -34.89 -6.72 -5.04
C ASP B 297 -33.53 -7.34 -5.34
N VAL B 298 -33.40 -8.00 -6.49
CA VAL B 298 -32.12 -8.60 -6.84
C VAL B 298 -31.03 -7.55 -6.81
N ALA B 299 -31.26 -6.41 -7.48
CA ALA B 299 -30.21 -5.39 -7.57
C ALA B 299 -29.80 -4.88 -6.18
N ASN B 300 -30.76 -4.69 -5.27
CA ASN B 300 -30.37 -4.19 -3.95
C ASN B 300 -29.55 -5.20 -3.17
N ALA B 301 -29.81 -6.50 -3.36
CA ALA B 301 -28.92 -7.48 -2.74
C ALA B 301 -27.50 -7.35 -3.30
N ILE B 302 -27.37 -7.12 -4.61
CA ILE B 302 -26.04 -6.92 -5.16
C ILE B 302 -25.39 -5.68 -4.55
N LEU B 303 -26.15 -4.58 -4.44
CA LEU B 303 -25.61 -3.37 -3.83
C LEU B 303 -25.24 -3.57 -2.37
N ASP B 304 -26.04 -4.35 -1.63
CA ASP B 304 -25.68 -4.76 -0.28
C ASP B 304 -24.31 -5.41 -0.22
N GLY B 305 -23.91 -6.10 -1.30
CA GLY B 305 -22.60 -6.67 -1.42
C GLY B 305 -22.55 -8.19 -1.44
N THR B 306 -23.64 -8.86 -1.84
CA THR B 306 -23.66 -10.31 -1.90
C THR B 306 -22.64 -10.82 -2.92
N ASP B 307 -22.06 -11.99 -2.63
CA ASP B 307 -21.20 -12.64 -3.63
C ASP B 307 -22.03 -13.20 -4.77
N ALA B 308 -23.18 -13.77 -4.45
CA ALA B 308 -23.95 -14.52 -5.42
C ALA B 308 -25.43 -14.36 -5.14
N VAL B 309 -26.21 -14.60 -6.20
CA VAL B 309 -27.66 -14.57 -6.14
C VAL B 309 -28.14 -15.93 -6.65
N MET B 310 -29.33 -16.32 -6.22
CA MET B 310 -29.79 -17.69 -6.46
C MET B 310 -31.15 -17.76 -7.13
N LEU B 311 -31.26 -18.63 -8.11
CA LEU B 311 -32.53 -18.99 -8.73
C LEU B 311 -33.01 -20.33 -8.19
N SER B 312 -34.29 -20.40 -7.85
CA SER B 312 -34.88 -21.64 -7.34
C SER B 312 -35.78 -22.31 -8.37
N GLY B 313 -37.09 -22.31 -8.13
CA GLY B 313 -38.01 -22.88 -9.09
C GLY B 313 -37.89 -22.33 -10.49
N GLU B 314 -37.47 -21.06 -10.64
CA GLU B 314 -37.50 -20.44 -11.96
C GLU B 314 -36.48 -21.04 -12.91
N SER B 315 -35.49 -21.74 -12.39
CA SER B 315 -34.54 -22.46 -13.24
C SER B 315 -34.65 -23.98 -13.13
N ALA B 316 -35.32 -24.50 -12.10
CA ALA B 316 -35.49 -25.95 -11.99
C ALA B 316 -36.73 -26.44 -12.74
N LYS B 317 -37.91 -25.95 -12.35
CA LYS B 317 -39.17 -26.43 -12.92
C LYS B 317 -39.86 -25.45 -13.85
N GLY B 318 -39.56 -24.15 -13.76
CA GLY B 318 -40.23 -23.12 -14.53
C GLY B 318 -40.28 -23.25 -16.04
N LYS B 319 -41.16 -22.47 -16.67
CA LYS B 319 -41.37 -22.52 -18.12
C LYS B 319 -40.31 -21.72 -18.88
N TYR B 320 -39.57 -20.84 -18.20
CA TYR B 320 -38.60 -19.95 -18.83
C TYR B 320 -37.29 -19.93 -18.07
N PRO B 321 -36.60 -21.06 -17.99
CA PRO B 321 -35.33 -21.06 -17.24
C PRO B 321 -34.23 -20.20 -17.86
N LEU B 322 -33.99 -20.33 -19.18
CA LEU B 322 -32.94 -19.57 -19.83
C LEU B 322 -33.22 -18.07 -19.79
N GLU B 323 -34.48 -17.68 -19.94
CA GLU B 323 -34.83 -16.27 -19.77
C GLU B 323 -34.45 -15.77 -18.39
N ALA B 324 -34.71 -16.59 -17.36
CA ALA B 324 -34.51 -16.16 -15.99
C ALA B 324 -33.03 -16.04 -15.65
N VAL B 325 -32.19 -16.94 -16.13
CA VAL B 325 -30.75 -16.77 -15.99
C VAL B 325 -30.28 -15.52 -16.72
N SER B 326 -30.70 -15.38 -17.98
CA SER B 326 -30.26 -14.25 -18.79
C SER B 326 -30.60 -12.91 -18.14
N ILE B 327 -31.86 -12.72 -17.73
CA ILE B 327 -32.23 -11.43 -17.15
C ILE B 327 -31.51 -11.23 -15.83
N MET B 328 -31.25 -12.32 -15.10
CA MET B 328 -30.45 -12.23 -13.90
C MET B 328 -29.05 -11.72 -14.20
N ALA B 329 -28.41 -12.28 -15.22
CA ALA B 329 -27.08 -11.81 -15.59
C ALA B 329 -27.11 -10.33 -15.95
N THR B 330 -28.13 -9.90 -16.70
CA THR B 330 -28.28 -8.49 -17.07
C THR B 330 -28.38 -7.60 -15.84
N ILE B 331 -29.19 -8.00 -14.86
CA ILE B 331 -29.28 -7.21 -13.63
C ILE B 331 -27.93 -7.19 -12.92
N CYS B 332 -27.25 -8.33 -12.87
CA CYS B 332 -25.90 -8.40 -12.31
C CYS B 332 -24.94 -7.45 -13.01
N GLU B 333 -24.86 -7.55 -14.34
CA GLU B 333 -23.97 -6.69 -15.09
C GLU B 333 -24.31 -5.22 -14.84
N ARG B 334 -25.59 -4.86 -14.99
CA ARG B 334 -26.00 -3.46 -14.84
C ARG B 334 -25.68 -2.92 -13.45
N THR B 335 -25.83 -3.74 -12.42
CA THR B 335 -25.59 -3.28 -11.05
C THR B 335 -24.12 -3.33 -10.67
N ASP B 336 -23.41 -4.41 -11.06
CA ASP B 336 -21.99 -4.50 -10.73
C ASP B 336 -21.20 -3.32 -11.25
N ARG B 337 -21.50 -2.89 -12.47
CA ARG B 337 -20.67 -1.86 -13.08
C ARG B 337 -20.72 -0.51 -12.37
N VAL B 338 -21.76 -0.20 -11.58
CA VAL B 338 -21.82 1.09 -10.89
C VAL B 338 -21.37 0.98 -9.43
N MET B 339 -20.83 -0.17 -9.01
CA MET B 339 -20.34 -0.29 -7.64
C MET B 339 -18.88 0.18 -7.51
N ASN B 340 -18.58 0.75 -6.35
CA ASN B 340 -17.23 1.22 -6.03
C ASN B 340 -16.57 0.33 -5.00
N SER B 341 -15.24 0.45 -4.96
CA SER B 341 -14.45 -0.24 -3.96
C SER B 341 -14.73 0.33 -2.58
N ARG B 342 -14.42 -0.48 -1.56
CA ARG B 342 -14.64 -0.15 -0.15
C ARG B 342 -13.30 -0.33 0.55
N LEU B 343 -12.46 0.71 0.53
CA LEU B 343 -11.15 0.62 1.18
C LEU B 343 -11.18 0.95 2.66
N GLU B 344 -12.37 1.27 3.20
CA GLU B 344 -12.64 1.65 4.60
C GLU B 344 -12.37 3.11 4.87
N ARG B 353 -3.04 -6.65 11.26
CA ARG B 353 -2.83 -7.98 10.65
C ARG B 353 -2.22 -7.84 9.25
N ILE B 354 -1.18 -8.65 9.00
CA ILE B 354 -0.40 -8.53 7.77
C ILE B 354 -1.26 -8.76 6.53
N THR B 355 -2.09 -9.80 6.55
CA THR B 355 -2.87 -10.11 5.36
C THR B 355 -3.79 -8.94 4.99
N GLU B 356 -4.56 -8.42 5.94
CA GLU B 356 -5.44 -7.30 5.63
C GLU B 356 -4.65 -6.09 5.11
N ALA B 357 -3.50 -5.80 5.73
CA ALA B 357 -2.68 -4.65 5.32
C ALA B 357 -2.24 -4.76 3.87
N VAL B 358 -1.74 -5.94 3.47
CA VAL B 358 -1.17 -6.12 2.14
C VAL B 358 -2.28 -6.13 1.08
N CYS B 359 -3.35 -6.88 1.32
CA CYS B 359 -4.45 -6.95 0.35
C CYS B 359 -5.16 -5.61 0.18
N ARG B 360 -5.42 -4.90 1.29
CA ARG B 360 -6.07 -3.59 1.18
C ARG B 360 -5.19 -2.63 0.41
N GLY B 361 -3.87 -2.69 0.67
CA GLY B 361 -2.97 -1.85 -0.09
C GLY B 361 -2.89 -2.27 -1.54
N ALA B 362 -2.98 -3.58 -1.79
CA ALA B 362 -2.89 -4.06 -3.16
C ALA B 362 -4.03 -3.52 -3.98
N VAL B 363 -5.24 -3.50 -3.40
CA VAL B 363 -6.38 -2.96 -4.12
C VAL B 363 -6.22 -1.45 -4.30
N GLU B 364 -5.88 -0.73 -3.26
CA GLU B 364 -5.66 0.69 -3.38
C GLU B 364 -4.65 1.01 -4.48
N THR B 365 -3.60 0.20 -4.59
CA THR B 365 -2.60 0.39 -5.64
C THR B 365 -3.19 0.09 -7.00
N ALA B 366 -3.92 -1.01 -7.13
CA ALA B 366 -4.59 -1.32 -8.38
C ALA B 366 -5.42 -0.13 -8.85
N GLU B 367 -6.22 0.47 -7.94
CA GLU B 367 -7.06 1.59 -8.37
C GLU B 367 -6.23 2.81 -8.76
N LYS B 368 -5.20 3.13 -8.00
CA LYS B 368 -4.40 4.30 -8.31
C LYS B 368 -3.61 4.13 -9.60
N LEU B 369 -3.37 2.89 -10.06
CA LEU B 369 -2.71 2.69 -11.34
C LEU B 369 -3.66 2.26 -12.46
N ASP B 370 -4.97 2.27 -12.21
CA ASP B 370 -5.95 1.86 -13.22
C ASP B 370 -5.61 0.48 -13.77
N ALA B 371 -5.35 -0.43 -12.85
CA ALA B 371 -5.00 -1.81 -13.20
C ALA B 371 -6.27 -2.63 -13.40
N PRO B 372 -6.44 -3.28 -14.56
CA PRO B 372 -7.66 -4.10 -14.77
C PRO B 372 -7.64 -5.43 -14.03
N LEU B 373 -6.52 -5.86 -13.47
CA LEU B 373 -6.50 -7.22 -12.98
C LEU B 373 -5.60 -7.29 -11.75
N ILE B 374 -6.07 -8.00 -10.74
CA ILE B 374 -5.25 -8.36 -9.59
C ILE B 374 -5.05 -9.87 -9.64
N VAL B 375 -3.80 -10.30 -9.75
CA VAL B 375 -3.47 -11.71 -9.88
C VAL B 375 -3.07 -12.23 -8.50
N VAL B 376 -3.78 -13.25 -8.01
CA VAL B 376 -3.59 -13.73 -6.65
C VAL B 376 -3.08 -15.16 -6.67
N ALA B 377 -1.99 -15.41 -5.95
CA ALA B 377 -1.45 -16.75 -5.76
C ALA B 377 -2.08 -17.27 -4.48
N THR B 378 -3.21 -17.94 -4.63
CA THR B 378 -4.05 -18.29 -3.50
C THR B 378 -3.74 -19.71 -3.02
N GLN B 379 -3.35 -19.81 -1.75
CA GLN B 379 -3.36 -21.08 -1.01
C GLN B 379 -4.72 -21.18 -0.36
N GLY B 380 -5.52 -22.14 -0.84
CA GLY B 380 -6.91 -22.16 -0.44
C GLY B 380 -7.64 -20.93 -0.95
N ALA B 381 -8.82 -20.71 -0.41
CA ALA B 381 -9.61 -19.57 -0.84
C ALA B 381 -9.20 -18.28 -0.14
N LYS B 382 -8.58 -18.37 1.04
CA LYS B 382 -8.38 -17.22 1.94
C LYS B 382 -7.86 -15.99 1.20
N SER B 383 -6.82 -16.17 0.42
CA SER B 383 -6.12 -15.03 -0.14
C SER B 383 -6.96 -14.32 -1.20
N ALA B 384 -7.64 -15.08 -2.06
CA ALA B 384 -8.48 -14.42 -3.04
C ALA B 384 -9.64 -13.70 -2.35
N ARG B 385 -10.23 -14.30 -1.31
CA ARG B 385 -11.31 -13.61 -0.62
C ARG B 385 -10.81 -12.38 0.15
N ALA B 386 -9.57 -12.41 0.64
CA ALA B 386 -9.02 -11.25 1.32
C ALA B 386 -8.87 -10.05 0.38
N VAL B 387 -8.69 -10.29 -0.92
CA VAL B 387 -8.68 -9.19 -1.90
C VAL B 387 -10.10 -8.76 -2.24
N ARG B 388 -11.00 -9.73 -2.41
CA ARG B 388 -12.39 -9.45 -2.78
C ARG B 388 -13.11 -8.60 -1.72
N LYS B 389 -12.69 -8.71 -0.47
CA LYS B 389 -13.27 -7.94 0.65
C LYS B 389 -13.41 -6.46 0.37
N TYR B 390 -12.48 -5.86 -0.38
CA TYR B 390 -12.47 -4.41 -0.61
C TYR B 390 -13.18 -4.03 -1.90
N PHE B 391 -13.91 -4.97 -2.51
CA PHE B 391 -14.69 -4.73 -3.72
C PHE B 391 -13.86 -4.08 -4.84
N PRO B 392 -12.78 -4.73 -5.27
CA PRO B 392 -11.95 -4.11 -6.30
C PRO B 392 -12.72 -3.91 -7.60
N ASP B 393 -12.43 -2.78 -8.27
CA ASP B 393 -12.85 -2.62 -9.66
C ASP B 393 -12.20 -3.68 -10.54
N ALA B 394 -10.92 -3.93 -10.32
CA ALA B 394 -10.20 -4.96 -11.06
C ALA B 394 -10.76 -6.35 -10.79
N THR B 395 -10.69 -7.21 -11.82
CA THR B 395 -11.01 -8.62 -11.69
C THR B 395 -9.87 -9.36 -10.99
N ILE B 396 -10.23 -10.35 -10.17
CA ILE B 396 -9.28 -11.15 -9.44
C ILE B 396 -9.04 -12.42 -10.24
N LEU B 397 -7.80 -12.62 -10.68
CA LEU B 397 -7.39 -13.87 -11.33
C LEU B 397 -6.68 -14.70 -10.27
N ALA B 398 -7.29 -15.79 -9.83
CA ALA B 398 -6.82 -16.52 -8.66
C ALA B 398 -6.17 -17.81 -9.12
N LEU B 399 -4.85 -17.85 -9.01
CA LEU B 399 -4.08 -19.03 -9.39
C LEU B 399 -4.09 -20.04 -8.24
N THR B 400 -4.41 -21.29 -8.54
CA THR B 400 -4.39 -22.34 -7.53
C THR B 400 -3.96 -23.65 -8.17
N THR B 401 -3.29 -24.48 -7.36
CA THR B 401 -2.96 -25.83 -7.78
C THR B 401 -4.02 -26.84 -7.34
N ASN B 402 -4.99 -26.38 -6.56
CA ASN B 402 -5.98 -27.26 -5.95
C ASN B 402 -7.27 -27.19 -6.76
N GLU B 403 -7.72 -28.33 -7.26
CA GLU B 403 -8.86 -28.30 -8.16
C GLU B 403 -10.14 -27.96 -7.43
N LYS B 404 -10.27 -28.43 -6.19
CA LYS B 404 -11.46 -28.10 -5.42
C LYS B 404 -11.49 -26.60 -5.13
N THR B 405 -10.34 -26.01 -4.78
CA THR B 405 -10.29 -24.57 -4.56
C THR B 405 -10.72 -23.83 -5.83
N ALA B 406 -10.21 -24.26 -6.98
CA ALA B 406 -10.62 -23.64 -8.24
C ALA B 406 -12.13 -23.67 -8.39
N HIS B 407 -12.76 -24.81 -8.13
CA HIS B 407 -14.21 -24.87 -8.21
C HIS B 407 -14.87 -23.95 -7.20
N GLN B 408 -14.39 -23.97 -5.95
CA GLN B 408 -15.06 -23.20 -4.91
C GLN B 408 -14.96 -21.70 -5.16
N LEU B 409 -13.84 -21.24 -5.74
CA LEU B 409 -13.70 -19.81 -5.97
C LEU B 409 -14.68 -19.30 -7.01
N VAL B 410 -15.29 -20.19 -7.80
CA VAL B 410 -16.29 -19.79 -8.78
C VAL B 410 -17.41 -18.98 -8.12
N LEU B 411 -17.68 -19.25 -6.84
CA LEU B 411 -18.77 -18.61 -6.13
C LEU B 411 -18.43 -17.22 -5.60
N SER B 412 -17.15 -16.85 -5.52
CA SER B 412 -16.78 -15.54 -4.99
C SER B 412 -16.90 -14.45 -6.03
N LYS B 413 -17.36 -13.29 -5.61
CA LYS B 413 -17.61 -12.19 -6.54
C LYS B 413 -16.33 -11.73 -7.23
N GLY B 414 -16.42 -11.55 -8.54
CA GLY B 414 -15.31 -11.00 -9.30
C GLY B 414 -14.05 -11.83 -9.35
N VAL B 415 -14.11 -13.10 -8.96
CA VAL B 415 -12.95 -13.98 -8.98
C VAL B 415 -13.00 -14.86 -10.20
N VAL B 416 -11.95 -14.84 -11.00
CA VAL B 416 -11.74 -15.79 -12.08
C VAL B 416 -10.69 -16.80 -11.62
N PRO B 417 -11.07 -18.05 -11.32
CA PRO B 417 -10.07 -19.01 -10.88
C PRO B 417 -9.34 -19.62 -12.06
N GLN B 418 -8.12 -20.05 -11.79
CA GLN B 418 -7.24 -20.63 -12.79
C GLN B 418 -6.43 -21.76 -12.17
N LEU B 419 -6.60 -22.96 -12.70
CA LEU B 419 -5.83 -24.09 -12.23
C LEU B 419 -4.45 -24.06 -12.87
N VAL B 420 -3.40 -24.18 -12.07
CA VAL B 420 -2.04 -24.19 -12.57
C VAL B 420 -1.30 -25.43 -12.05
N LYS B 421 -0.28 -25.84 -12.83
CA LYS B 421 0.53 -27.00 -12.48
C LYS B 421 1.28 -26.79 -11.17
N GLU B 422 1.96 -25.66 -11.04
CA GLU B 422 2.79 -25.37 -9.87
C GLU B 422 3.36 -23.97 -10.02
N ILE B 423 3.83 -23.43 -8.90
CA ILE B 423 4.59 -22.19 -8.82
C ILE B 423 5.70 -22.40 -7.79
N THR B 424 6.94 -22.41 -8.24
CA THR B 424 8.03 -22.81 -7.36
C THR B 424 8.68 -21.67 -6.60
N SER B 425 8.48 -20.42 -7.04
CA SER B 425 9.12 -19.28 -6.39
C SER B 425 8.26 -18.05 -6.60
N THR B 426 8.69 -16.96 -5.99
CA THR B 426 7.94 -15.72 -6.15
C THR B 426 8.13 -15.16 -7.56
N ASP B 427 9.36 -15.17 -8.08
CA ASP B 427 9.57 -14.67 -9.44
C ASP B 427 8.88 -15.56 -10.47
N ASP B 428 8.81 -16.87 -10.23
CA ASP B 428 8.03 -17.71 -11.14
C ASP B 428 6.57 -17.30 -11.15
N PHE B 429 6.01 -16.99 -9.97
CA PHE B 429 4.65 -16.48 -9.92
C PHE B 429 4.48 -15.25 -10.81
N TYR B 430 5.44 -14.31 -10.74
CA TYR B 430 5.35 -13.11 -11.56
C TYR B 430 5.46 -13.44 -13.05
N ARG B 431 6.46 -14.23 -13.42
CA ARG B 431 6.58 -14.68 -14.81
C ARG B 431 5.31 -15.42 -15.25
N LEU B 432 4.81 -16.33 -14.41
CA LEU B 432 3.67 -17.15 -14.84
C LEU B 432 2.39 -16.34 -14.84
N GLY B 433 2.18 -15.52 -13.81
CA GLY B 433 0.96 -14.75 -13.75
C GLY B 433 0.81 -13.78 -14.89
N LYS B 434 1.92 -13.22 -15.37
CA LYS B 434 1.84 -12.28 -16.48
C LYS B 434 1.39 -12.98 -17.76
N GLU B 435 1.92 -14.19 -18.00
CA GLU B 435 1.50 -15.00 -19.14
C GLU B 435 0.01 -15.31 -19.05
N LEU B 436 -0.42 -15.88 -17.92
CA LEU B 436 -1.81 -16.26 -17.73
C LEU B 436 -2.75 -15.05 -17.75
N ALA B 437 -2.25 -13.87 -17.35
CA ALA B 437 -3.06 -12.67 -17.45
C ALA B 437 -3.30 -12.30 -18.90
N LEU B 438 -2.24 -12.34 -19.73
CA LEU B 438 -2.42 -12.09 -21.16
C LEU B 438 -3.30 -13.16 -21.79
N GLN B 439 -3.04 -14.43 -21.48
CA GLN B 439 -3.82 -15.50 -22.06
C GLN B 439 -5.29 -15.37 -21.70
N SER B 440 -5.58 -14.95 -20.47
CA SER B 440 -6.98 -14.88 -20.04
C SER B 440 -7.79 -13.92 -20.88
N GLY B 441 -7.16 -13.04 -21.64
CA GLY B 441 -7.91 -12.01 -22.30
C GLY B 441 -8.45 -10.95 -21.37
N LEU B 442 -8.23 -11.10 -20.05
CA LEU B 442 -8.68 -10.11 -19.08
C LEU B 442 -7.81 -8.86 -19.06
N ALA B 443 -6.58 -8.93 -19.57
CA ALA B 443 -5.70 -7.77 -19.64
C ALA B 443 -4.89 -7.86 -20.93
N HIS B 444 -4.23 -6.77 -21.30
CA HIS B 444 -3.53 -6.71 -22.58
C HIS B 444 -2.17 -6.05 -22.37
N LYS B 445 -1.31 -6.18 -23.39
CA LYS B 445 0.01 -5.57 -23.34
C LYS B 445 -0.10 -4.09 -22.94
N GLY B 446 0.76 -3.68 -22.00
CA GLY B 446 0.79 -2.33 -21.50
C GLY B 446 -0.10 -2.07 -20.31
N ASP B 447 -1.02 -2.97 -19.99
CA ASP B 447 -1.83 -2.79 -18.79
C ASP B 447 -0.98 -3.04 -17.57
N VAL B 448 -1.38 -2.44 -16.47
CA VAL B 448 -0.78 -2.73 -15.18
C VAL B 448 -1.55 -3.86 -14.51
N VAL B 449 -0.84 -4.81 -13.93
CA VAL B 449 -1.48 -5.76 -13.02
C VAL B 449 -0.75 -5.74 -11.69
N VAL B 450 -1.51 -5.97 -10.63
CA VAL B 450 -0.98 -6.08 -9.28
C VAL B 450 -0.99 -7.55 -8.92
N MET B 451 0.13 -8.04 -8.39
CA MET B 451 0.31 -9.47 -8.15
C MET B 451 0.51 -9.75 -6.67
N VAL B 452 -0.34 -10.61 -6.12
CA VAL B 452 -0.47 -10.82 -4.68
C VAL B 452 -0.11 -12.26 -4.35
N SER B 453 0.66 -12.47 -3.28
CA SER B 453 1.05 -13.83 -2.92
C SER B 453 1.64 -13.83 -1.51
N GLY B 454 1.92 -15.04 -1.02
CA GLY B 454 2.74 -15.23 0.17
C GLY B 454 4.14 -15.69 -0.20
N ALA B 455 5.12 -15.22 0.56
CA ALA B 455 6.51 -15.57 0.30
C ALA B 455 7.18 -15.82 1.63
N LEU B 456 7.80 -16.99 1.77
CA LEU B 456 8.45 -17.41 3.01
C LEU B 456 7.51 -17.31 4.21
N VAL B 457 6.29 -17.81 4.03
CA VAL B 457 5.28 -17.80 5.09
C VAL B 457 4.40 -19.05 4.98
N PRO B 458 3.75 -19.47 6.06
CA PRO B 458 2.76 -20.54 5.95
C PRO B 458 1.60 -20.12 5.05
N SER B 459 1.02 -21.11 4.38
CA SER B 459 -0.15 -20.90 3.54
C SER B 459 -1.21 -20.06 4.26
N GLY B 460 -1.99 -19.33 3.47
CA GLY B 460 -3.04 -18.50 4.02
C GLY B 460 -2.53 -17.27 4.74
N THR B 461 -1.26 -16.93 4.54
CA THR B 461 -0.75 -15.61 4.85
C THR B 461 -0.39 -14.97 3.52
N THR B 462 -0.90 -13.77 3.31
CA THR B 462 -0.57 -12.98 2.15
C THR B 462 0.32 -11.83 2.60
N ASN B 463 1.55 -11.81 2.13
CA ASN B 463 2.47 -10.80 2.60
C ASN B 463 3.17 -10.03 1.48
N THR B 464 2.83 -10.29 0.22
CA THR B 464 3.59 -9.74 -0.89
C THR B 464 2.66 -9.20 -1.97
N ALA B 465 2.97 -7.99 -2.43
CA ALA B 465 2.24 -7.34 -3.51
C ALA B 465 3.24 -6.74 -4.49
N SER B 466 2.97 -6.93 -5.77
CA SER B 466 3.94 -6.58 -6.80
C SER B 466 3.23 -6.04 -8.04
N VAL B 467 3.82 -5.01 -8.64
CA VAL B 467 3.20 -4.29 -9.74
C VAL B 467 3.99 -4.57 -11.01
N HIS B 468 3.30 -5.01 -12.05
CA HIS B 468 3.99 -5.35 -13.29
C HIS B 468 3.22 -4.81 -14.49
N VAL B 469 3.95 -4.52 -15.55
CA VAL B 469 3.35 -4.13 -16.82
C VAL B 469 3.42 -5.31 -17.77
N LEU B 470 2.32 -5.61 -18.44
CA LEU B 470 2.26 -6.74 -19.35
C LEU B 470 2.88 -6.41 -20.70
#